data_7RE9
#
_entry.id   7RE9
#
_cell.length_a   134.325
_cell.length_b   40.348
_cell.length_c   161.807
_cell.angle_alpha   90.000
_cell.angle_beta   105.150
_cell.angle_gamma   90.000
#
_symmetry.space_group_name_H-M   'C 1 2 1'
#
loop_
_entity.id
_entity.type
_entity.pdbx_description
1 polymer 'Fab heavy chain'
2 polymer 'Fab light chain'
3 non-polymer DI(HYDROXYETHYL)ETHER
4 water water
#
loop_
_entity_poly.entity_id
_entity_poly.type
_entity_poly.pdbx_seq_one_letter_code
_entity_poly.pdbx_strand_id
1 'polypeptide(L)'
;EVQLVQSGAEVKKPGESLTISCKASGYSFPNYWITWVRQMSGGGLEWMGRIDPGDSYTTYNPSFQGHVTISIDKSTNTAY
LHWNSLKASDTAMYYCARYYVSLVDIWGQGTLVTVSSASTKGPSVFPLAPSSKSTSGGTAALGCLVKDYFPEPVTVSWNS
GALTSGVHTFPAVLQSSGLYSLSSVVTVPSSSLGTQTYICNVNHKPSNTKVDKKVEPKSCDKTH
;
H,A
2 'polypeptide(L)'
;QSVLTQPASVSGSPGQSITISCTGTSSDVGGYNYVSWYQQHPGKAPKLMIYDVNNRPSEVSNRFSGSKSGNTASLTISGL
QAEDEADYYCSSYTTGSRAVFGGGTKLTVLGQPKANPTVTLFPPSSEELQANKATLVCLISDFYPGAVTVAWKADGSPVK
AGVETTKPSKQSNNKYAASSYLSLTPEQWKSHRSYSCQVTHEGSTVEKTVAPTECS
;
L,B
#
# COMPACT_ATOMS: atom_id res chain seq x y z
N VAL A 2 -14.90 -2.31 13.32
CA VAL A 2 -13.52 -2.79 13.66
C VAL A 2 -12.82 -3.40 12.43
N GLN A 3 -11.83 -2.77 11.92
CA GLN A 3 -11.09 -3.25 10.75
C GLN A 3 -9.61 -3.36 11.07
N LEU A 4 -8.94 -4.33 10.52
CA LEU A 4 -7.48 -4.49 10.60
C LEU A 4 -7.02 -4.45 9.15
N VAL A 5 -6.61 -3.28 8.61
CA VAL A 5 -6.21 -3.08 7.23
C VAL A 5 -4.72 -3.38 7.11
N GLN A 6 -4.36 -4.26 6.19
CA GLN A 6 -2.96 -4.64 6.01
C GLN A 6 -2.35 -3.97 4.79
N SER A 7 -1.02 -3.90 4.80
CA SER A 7 -0.27 -3.26 3.74
C SER A 7 -0.35 -4.09 2.46
N GLY A 8 0.07 -3.49 1.35
CA GLY A 8 -0.04 -4.13 0.05
C GLY A 8 0.91 -5.30 -0.12
N ALA A 9 0.72 -6.00 -1.22
CA ALA A 9 1.55 -7.15 -1.55
C ALA A 9 2.99 -6.72 -1.77
N GLU A 10 3.89 -7.68 -1.61
CA GLU A 10 5.32 -7.38 -1.64
C GLU A 10 6.07 -8.42 -2.47
N VAL A 11 6.86 -8.00 -3.46
CA VAL A 11 7.70 -8.87 -4.27
C VAL A 11 9.14 -8.47 -3.99
N LYS A 12 9.89 -9.36 -3.36
CA LYS A 12 11.25 -9.07 -2.94
C LYS A 12 12.17 -10.22 -3.32
N LYS A 13 13.44 -9.94 -3.09
CA LYS A 13 14.51 -10.87 -3.43
C LYS A 13 15.17 -11.32 -2.14
N PRO A 14 15.69 -12.56 -2.04
CA PRO A 14 16.27 -13.04 -0.78
C PRO A 14 17.41 -12.15 -0.30
N GLY A 15 17.42 -11.88 1.00
CA GLY A 15 18.41 -11.02 1.62
C GLY A 15 17.95 -9.60 1.84
N GLU A 16 16.89 -9.17 1.16
CA GLU A 16 16.38 -7.82 1.33
C GLU A 16 15.59 -7.70 2.62
N SER A 17 15.56 -6.49 3.17
CA SER A 17 14.73 -6.20 4.32
C SER A 17 13.27 -6.05 3.88
N LEU A 18 12.36 -6.28 4.82
CA LEU A 18 10.94 -6.10 4.51
C LEU A 18 10.17 -5.75 5.78
N THR A 19 9.30 -4.77 5.69
CA THR A 19 8.40 -4.40 6.79
C THR A 19 6.98 -4.38 6.27
N ILE A 20 6.10 -5.15 6.93
CA ILE A 20 4.68 -5.11 6.61
C ILE A 20 3.92 -4.59 7.82
N SER A 21 2.83 -3.87 7.56
CA SER A 21 2.12 -3.12 8.58
C SER A 21 0.67 -3.57 8.67
N CYS A 22 0.05 -3.22 9.80
CA CYS A 22 -1.33 -3.60 10.10
C CYS A 22 -1.94 -2.46 10.90
N LYS A 23 -2.88 -1.74 10.27
CA LYS A 23 -3.53 -0.57 10.88
C LYS A 23 -4.87 -1.01 11.46
N ALA A 24 -5.04 -0.80 12.76
CA ALA A 24 -6.28 -1.13 13.46
C ALA A 24 -7.15 0.10 13.58
N SER A 25 -8.48 -0.12 13.54
CA SER A 25 -9.40 0.98 13.73
C SER A 25 -10.72 0.45 14.26
N GLY A 26 -11.40 1.27 15.06
CA GLY A 26 -12.72 0.94 15.57
C GLY A 26 -12.77 0.40 16.97
N TYR A 27 -11.67 0.40 17.71
CA TYR A 27 -11.65 -0.10 19.07
C TYR A 27 -10.47 0.50 19.80
N SER A 28 -10.39 0.21 21.09
CA SER A 28 -9.26 0.69 21.91
C SER A 28 -8.05 -0.21 21.69
N PHE A 29 -7.08 0.30 20.96
CA PHE A 29 -5.92 -0.48 20.55
C PHE A 29 -5.15 -1.10 21.72
N PRO A 30 -4.84 -0.38 22.82
CA PRO A 30 -4.01 -0.98 23.88
C PRO A 30 -4.70 -2.05 24.70
N ASN A 31 -5.91 -2.46 24.34
CA ASN A 31 -6.67 -3.41 25.14
C ASN A 31 -6.74 -4.81 24.54
N TYR A 32 -6.22 -5.01 23.33
CA TYR A 32 -6.24 -6.30 22.67
C TYR A 32 -4.84 -6.64 22.17
N TRP A 33 -4.51 -7.92 22.20
CA TRP A 33 -3.24 -8.37 21.67
C TRP A 33 -3.29 -8.37 20.14
N ILE A 34 -2.13 -8.23 19.51
CA ILE A 34 -2.01 -8.35 18.07
C ILE A 34 -1.14 -9.56 17.78
N THR A 35 -1.68 -10.51 17.01
CA THR A 35 -0.97 -11.71 16.64
C THR A 35 -0.72 -11.75 15.14
N TRP A 36 0.32 -12.47 14.75
CA TRP A 36 0.68 -12.62 13.33
C TRP A 36 0.63 -14.10 12.99
N VAL A 37 -0.01 -14.42 11.86
CA VAL A 37 -0.20 -15.80 11.43
C VAL A 37 0.27 -15.93 9.99
N ARG A 38 1.11 -16.93 9.73
CA ARG A 38 1.66 -17.17 8.40
C ARG A 38 1.00 -18.39 7.79
N GLN A 39 0.72 -18.32 6.49
CA GLN A 39 0.13 -19.44 5.77
C GLN A 39 0.78 -19.52 4.39
N MET A 40 1.47 -20.63 4.14
CA MET A 40 2.12 -20.82 2.83
C MET A 40 1.12 -21.34 1.83
N SER A 41 1.44 -21.19 0.55
CA SER A 41 0.56 -21.64 -0.52
C SER A 41 0.40 -23.16 -0.46
N GLY A 42 -0.83 -23.62 -0.26
CA GLY A 42 -1.10 -25.03 -0.11
C GLY A 42 -0.84 -25.58 1.28
N GLY A 43 -0.38 -24.75 2.21
CA GLY A 43 -0.10 -25.18 3.56
C GLY A 43 -1.15 -24.70 4.55
N GLY A 44 -0.81 -24.86 5.83
CA GLY A 44 -1.70 -24.55 6.92
C GLY A 44 -1.33 -23.26 7.64
N LEU A 45 -2.06 -23.01 8.72
CA LEU A 45 -1.82 -21.81 9.53
C LEU A 45 -0.66 -22.04 10.48
N GLU A 46 0.17 -20.99 10.58
CA GLU A 46 1.35 -21.04 11.48
C GLU A 46 1.37 -19.80 12.36
N TRP A 47 1.20 -20.03 13.65
CA TRP A 47 1.30 -18.92 14.58
C TRP A 47 2.76 -18.47 14.66
N MET A 48 2.98 -17.16 14.60
CA MET A 48 4.32 -16.59 14.62
C MET A 48 4.64 -15.85 15.91
N GLY A 49 3.71 -15.05 16.41
CA GLY A 49 3.95 -14.33 17.64
C GLY A 49 2.81 -13.40 17.95
N ARG A 50 2.86 -12.91 19.18
CA ARG A 50 1.82 -11.99 19.67
C ARG A 50 2.51 -10.82 20.36
N ILE A 51 1.85 -9.69 20.43
CA ILE A 51 2.37 -8.48 21.07
C ILE A 51 1.23 -7.80 21.82
N ASP A 52 1.54 -7.33 23.02
CA ASP A 52 0.62 -6.49 23.79
C ASP A 52 0.96 -5.02 23.51
N PRO A 53 0.07 -4.26 22.86
CA PRO A 53 0.37 -2.86 22.56
C PRO A 53 0.33 -1.94 23.77
N GLY A 54 0.04 -2.45 24.97
CA GLY A 54 0.07 -1.62 26.15
C GLY A 54 1.49 -1.38 26.66
N ASP A 55 2.34 -2.42 26.58
CA ASP A 55 3.73 -2.30 27.00
C ASP A 55 4.70 -2.97 26.04
N SER A 56 4.27 -3.24 24.81
CA SER A 56 5.10 -3.81 23.75
C SER A 56 5.70 -5.17 24.12
N TYR A 57 5.09 -5.88 25.05
CA TYR A 57 5.61 -7.20 25.43
C TYR A 57 5.26 -8.20 24.34
N THR A 58 6.24 -8.99 23.92
CA THR A 58 6.08 -9.91 22.79
C THR A 58 6.40 -11.34 23.21
N THR A 59 5.77 -12.28 22.52
CA THR A 59 6.09 -13.70 22.63
C THR A 59 6.11 -14.28 21.23
N TYR A 60 7.14 -15.07 20.95
CA TYR A 60 7.38 -15.58 19.60
C TYR A 60 7.31 -17.11 19.57
N ASN A 61 6.92 -17.63 18.42
CA ASN A 61 7.12 -19.05 18.14
C ASN A 61 8.62 -19.28 17.96
N PRO A 62 9.21 -20.23 18.70
CA PRO A 62 10.67 -20.42 18.62
C PRO A 62 11.22 -20.61 17.20
N SER A 63 10.41 -21.14 16.27
CA SER A 63 10.86 -21.31 14.90
C SER A 63 11.04 -19.99 14.17
N PHE A 64 10.45 -18.91 14.68
CA PHE A 64 10.59 -17.58 14.08
C PHE A 64 11.40 -16.62 14.95
N GLN A 65 11.68 -16.89 16.13
CA GLN A 65 12.46 -15.99 17.00
C GLN A 65 13.81 -15.72 16.37
N GLY A 66 14.27 -14.60 16.30
CA GLY A 66 15.50 -14.12 15.73
C GLY A 66 15.48 -13.88 14.22
N HIS A 67 14.47 -14.40 13.51
CA HIS A 67 14.37 -14.18 12.08
C HIS A 67 13.35 -13.11 11.72
N VAL A 68 12.42 -12.79 12.62
CA VAL A 68 11.39 -11.79 12.38
C VAL A 68 11.16 -11.03 13.67
N THR A 69 10.66 -9.81 13.55
CA THR A 69 10.43 -8.94 14.69
C THR A 69 9.02 -8.38 14.62
N ILE A 70 8.28 -8.53 15.71
CA ILE A 70 6.95 -7.94 15.86
C ILE A 70 7.08 -6.68 16.71
N SER A 71 6.48 -5.59 16.25
CA SER A 71 6.58 -4.32 16.96
C SER A 71 5.26 -3.60 16.88
N ILE A 72 5.15 -2.51 17.65
CA ILE A 72 3.91 -1.78 17.80
C ILE A 72 4.19 -0.29 17.77
N ASP A 73 3.21 0.47 17.29
CA ASP A 73 3.18 1.93 17.34
C ASP A 73 1.82 2.27 17.92
N LYS A 74 1.81 2.51 19.23
CA LYS A 74 0.58 2.82 19.96
C LYS A 74 0.01 4.18 19.57
N SER A 75 0.86 5.10 19.13
CA SER A 75 0.40 6.42 18.73
C SER A 75 -0.39 6.41 17.42
N THR A 76 -0.21 5.37 16.62
CA THR A 76 -0.84 5.25 15.30
C THR A 76 -1.63 3.95 15.16
N ASN A 77 -1.79 3.20 16.24
CA ASN A 77 -2.55 1.95 16.22
C ASN A 77 -2.03 0.99 15.15
N THR A 78 -0.70 0.88 15.05
CA THR A 78 -0.09 0.12 13.97
C THR A 78 0.75 -1.02 14.54
N ALA A 79 0.66 -2.19 13.90
CA ALA A 79 1.50 -3.33 14.21
C ALA A 79 2.44 -3.59 13.03
N TYR A 80 3.68 -3.96 13.32
CA TYR A 80 4.70 -4.16 12.30
C TYR A 80 5.29 -5.55 12.40
N LEU A 81 5.58 -6.14 11.25
CA LEU A 81 6.32 -7.39 11.13
C LEU A 81 7.50 -7.13 10.21
N HIS A 82 8.71 -7.38 10.72
CA HIS A 82 9.92 -6.92 10.04
C HIS A 82 10.94 -8.04 9.91
N TRP A 83 11.50 -8.18 8.71
CA TRP A 83 12.64 -9.05 8.42
C TRP A 83 13.84 -8.20 8.06
N ASN A 84 14.99 -8.50 8.66
CA ASN A 84 16.23 -7.86 8.26
C ASN A 84 16.81 -8.51 7.00
N SER A 85 16.55 -9.78 6.81
CA SER A 85 17.05 -10.54 5.64
C SER A 85 16.03 -11.59 5.30
N LEU A 86 15.44 -11.51 4.14
CA LEU A 86 14.40 -12.46 3.74
C LEU A 86 15.01 -13.74 3.20
N LYS A 87 14.24 -14.80 3.29
CA LYS A 87 14.62 -16.10 2.74
C LYS A 87 13.51 -16.44 1.75
N ALA A 88 13.80 -17.26 0.75
CA ALA A 88 12.79 -17.70 -0.21
C ALA A 88 11.70 -18.52 0.47
N SER A 89 12.08 -19.15 1.60
CA SER A 89 11.10 -19.90 2.42
C SER A 89 10.09 -19.00 3.12
N ASP A 90 10.25 -17.70 2.98
CA ASP A 90 9.32 -16.73 3.59
C ASP A 90 8.18 -16.39 2.63
N THR A 91 8.19 -16.91 1.43
CA THR A 91 7.05 -16.70 0.52
C THR A 91 5.79 -17.25 1.18
N ALA A 92 4.80 -16.40 1.47
CA ALA A 92 3.54 -16.85 2.06
C ALA A 92 2.59 -15.67 2.17
N MET A 93 1.39 -15.94 2.70
CA MET A 93 0.42 -14.91 3.05
C MET A 93 0.48 -14.71 4.56
N TYR A 94 0.51 -13.45 4.96
CA TYR A 94 0.67 -13.11 6.38
C TYR A 94 -0.55 -12.33 6.83
N TYR A 95 -1.22 -12.84 7.82
CA TYR A 95 -2.38 -12.17 8.40
C TYR A 95 -1.99 -11.55 9.73
N CYS A 96 -2.45 -10.32 9.97
CA CYS A 96 -2.48 -9.78 11.31
C CYS A 96 -3.87 -10.00 11.86
N ALA A 97 -3.96 -10.17 13.18
CA ALA A 97 -5.23 -10.56 13.76
C ALA A 97 -5.31 -10.05 15.18
N ARG A 98 -6.52 -9.69 15.59
CA ARG A 98 -6.73 -9.29 16.96
C ARG A 98 -6.89 -10.54 17.82
N TYR A 99 -6.12 -10.62 18.88
CA TYR A 99 -6.13 -11.75 19.79
C TYR A 99 -6.67 -11.22 21.12
N TYR A 100 -7.79 -11.83 21.56
CA TYR A 100 -8.47 -11.49 22.83
C TYR A 100 -8.55 -12.68 23.77
N VAL A 101 -7.60 -12.82 24.70
CA VAL A 101 -7.56 -13.91 25.73
C VAL A 101 -7.19 -15.26 25.18
N SER A 102 -8.03 -15.85 24.35
CA SER A 102 -7.81 -17.24 23.92
C SER A 102 -8.24 -17.43 22.48
N LEU A 103 -8.93 -16.44 21.93
CA LEU A 103 -9.43 -16.65 20.57
C LEU A 103 -8.86 -15.58 19.64
N VAL A 104 -9.06 -15.82 18.35
CA VAL A 104 -8.71 -14.87 17.29
C VAL A 104 -10.03 -14.48 16.65
N ASP A 105 -10.55 -13.30 16.99
CA ASP A 105 -11.88 -12.90 16.58
C ASP A 105 -11.91 -12.13 15.27
N ILE A 106 -10.96 -11.23 15.04
CA ILE A 106 -10.94 -10.35 13.87
C ILE A 106 -9.63 -10.55 13.13
N TRP A 107 -9.72 -10.78 11.83
CA TRP A 107 -8.56 -10.96 10.98
C TRP A 107 -8.39 -9.80 10.02
N GLY A 108 -7.16 -9.66 9.51
CA GLY A 108 -6.89 -8.77 8.41
C GLY A 108 -7.09 -9.47 7.08
N GLN A 109 -7.09 -8.67 6.00
CA GLN A 109 -7.29 -9.24 4.68
C GLN A 109 -6.10 -10.06 4.21
N GLY A 110 -4.92 -9.86 4.81
CA GLY A 110 -3.75 -10.62 4.43
C GLY A 110 -2.81 -9.88 3.51
N THR A 111 -1.51 -10.01 3.75
CA THR A 111 -0.48 -9.45 2.88
C THR A 111 0.26 -10.59 2.22
N LEU A 112 0.25 -10.65 0.89
CA LEU A 112 0.96 -11.69 0.12
C LEU A 112 2.39 -11.25 -0.09
N VAL A 113 3.32 -12.06 0.35
CA VAL A 113 4.75 -11.78 0.27
C VAL A 113 5.39 -12.87 -0.58
N THR A 114 5.93 -12.47 -1.73
CA THR A 114 6.63 -13.37 -2.64
C THR A 114 8.11 -13.01 -2.65
N VAL A 115 8.94 -13.95 -2.23
CA VAL A 115 10.39 -13.77 -2.21
C VAL A 115 10.96 -14.68 -3.28
N SER A 116 11.51 -14.07 -4.32
CA SER A 116 12.04 -14.81 -5.46
C SER A 116 13.18 -14.03 -6.07
N SER A 117 14.28 -14.86 -6.43
CA SER A 117 15.46 -14.32 -7.16
C SER A 117 15.17 -14.20 -8.66
N ALA A 118 14.08 -14.75 -9.14
CA ALA A 118 13.64 -14.58 -10.53
C ALA A 118 13.19 -13.16 -10.79
N SER A 119 13.23 -12.77 -12.03
CA SER A 119 12.91 -11.38 -12.37
C SER A 119 11.43 -11.14 -12.58
N THR A 120 10.97 -9.98 -12.13
CA THR A 120 9.59 -9.61 -12.39
C THR A 120 9.50 -9.43 -13.89
N LYS A 121 8.64 -10.13 -14.52
CA LYS A 121 8.39 -10.03 -15.96
C LYS A 121 6.94 -9.60 -16.17
N GLY A 122 6.71 -8.64 -16.99
CA GLY A 122 5.39 -8.22 -17.37
C GLY A 122 4.80 -9.13 -18.42
N PRO A 123 3.48 -9.31 -18.38
CA PRO A 123 2.81 -10.23 -19.30
C PRO A 123 2.69 -9.66 -20.70
N SER A 124 2.46 -10.57 -21.65
CA SER A 124 2.05 -10.23 -23.01
C SER A 124 0.59 -10.62 -23.17
N VAL A 125 -0.24 -9.68 -23.64
CA VAL A 125 -1.67 -9.90 -23.76
C VAL A 125 -2.04 -10.11 -25.22
N PHE A 126 -2.73 -11.22 -25.50
CA PHE A 126 -3.22 -11.55 -26.83
C PHE A 126 -4.72 -11.79 -26.77
N PRO A 127 -5.47 -11.40 -27.81
CA PRO A 127 -6.92 -11.65 -27.80
C PRO A 127 -7.28 -13.04 -28.32
N LEU A 128 -8.14 -13.71 -27.55
CA LEU A 128 -8.68 -15.03 -27.96
C LEU A 128 -10.02 -14.71 -28.61
N ALA A 129 -10.08 -14.70 -29.92
CA ALA A 129 -11.27 -14.22 -30.64
C ALA A 129 -12.40 -15.22 -30.83
N PRO A 130 -13.68 -14.69 -30.89
CA PRO A 130 -14.83 -15.52 -31.23
C PRO A 130 -14.73 -16.08 -32.66
N SER A 131 -15.03 -17.37 -32.83
CA SER A 131 -14.90 -18.04 -34.12
C SER A 131 -16.22 -18.75 -34.47
N THR A 139 -24.65 -18.46 -27.85
CA THR A 139 -23.60 -17.79 -27.08
C THR A 139 -22.24 -17.93 -27.74
N ALA A 140 -21.44 -16.87 -27.63
CA ALA A 140 -20.06 -16.85 -28.08
C ALA A 140 -19.14 -16.66 -26.87
N ALA A 141 -17.92 -17.17 -27.00
CA ALA A 141 -16.92 -17.10 -25.95
C ALA A 141 -15.74 -16.27 -26.47
N LEU A 142 -15.51 -15.12 -25.85
CA LEU A 142 -14.37 -14.27 -26.16
C LEU A 142 -13.38 -14.37 -25.02
N GLY A 143 -12.14 -13.93 -25.26
CA GLY A 143 -11.21 -14.03 -24.16
C GLY A 143 -9.94 -13.26 -24.37
N CYS A 144 -9.03 -13.46 -23.43
CA CYS A 144 -7.71 -12.82 -23.50
C CYS A 144 -6.70 -13.77 -22.89
N LEU A 145 -5.62 -14.06 -23.60
CA LEU A 145 -4.50 -14.84 -23.03
C LEU A 145 -3.51 -13.88 -22.41
N VAL A 146 -3.19 -14.07 -21.14
CA VAL A 146 -2.16 -13.28 -20.44
C VAL A 146 -0.96 -14.20 -20.39
N LYS A 147 0.09 -13.89 -21.15
CA LYS A 147 1.22 -14.82 -21.30
C LYS A 147 2.53 -14.38 -20.66
N ASP A 148 3.28 -15.32 -20.08
CA ASP A 148 4.64 -15.14 -19.52
C ASP A 148 4.82 -13.97 -18.54
N TYR A 149 4.26 -14.10 -17.36
CA TYR A 149 4.45 -13.13 -16.26
C TYR A 149 4.96 -13.75 -14.96
N PHE A 150 5.70 -12.98 -14.17
CA PHE A 150 6.19 -13.41 -12.86
C PHE A 150 6.41 -12.12 -12.09
N PRO A 151 6.04 -12.05 -10.81
CA PRO A 151 5.23 -13.09 -10.20
C PRO A 151 3.72 -13.02 -10.35
N GLU A 152 2.99 -13.83 -9.63
CA GLU A 152 1.52 -13.75 -9.62
C GLU A 152 1.20 -12.78 -8.50
N PRO A 153 0.17 -11.92 -8.57
CA PRO A 153 -0.97 -12.13 -9.44
C PRO A 153 -1.28 -11.21 -10.63
N VAL A 154 -2.17 -11.65 -11.52
CA VAL A 154 -2.68 -10.75 -12.59
C VAL A 154 -4.18 -10.62 -12.34
N THR A 155 -4.74 -9.47 -12.60
CA THR A 155 -6.18 -9.25 -12.48
C THR A 155 -6.71 -8.89 -13.86
N VAL A 156 -7.84 -9.45 -14.24
CA VAL A 156 -8.43 -9.18 -15.58
C VAL A 156 -9.85 -8.69 -15.40
N SER A 157 -10.14 -7.50 -15.89
CA SER A 157 -11.51 -6.96 -15.91
C SER A 157 -11.93 -6.78 -17.36
N TRP A 158 -13.21 -6.67 -17.60
CA TRP A 158 -13.73 -6.52 -18.96
C TRP A 158 -14.60 -5.27 -19.03
N ASN A 159 -14.28 -4.33 -19.90
CA ASN A 159 -15.13 -3.13 -20.11
C ASN A 159 -14.98 -2.19 -18.92
N SER A 160 -13.79 -2.14 -18.35
CA SER A 160 -13.45 -1.23 -17.23
C SER A 160 -14.31 -1.52 -16.01
N GLY A 161 -14.84 -2.73 -15.93
CA GLY A 161 -15.66 -3.12 -14.79
C GLY A 161 -17.13 -3.28 -15.11
N ALA A 162 -17.54 -2.98 -16.33
CA ALA A 162 -19.00 -3.02 -16.62
C ALA A 162 -19.43 -4.43 -17.00
N LEU A 163 -18.52 -5.22 -17.55
CA LEU A 163 -18.85 -6.61 -17.92
C LEU A 163 -18.40 -7.53 -16.80
N THR A 164 -19.33 -7.96 -15.97
CA THR A 164 -19.02 -8.79 -14.80
C THR A 164 -19.78 -10.11 -14.94
N SER A 165 -20.62 -10.23 -15.95
CA SER A 165 -21.46 -11.44 -16.07
C SER A 165 -20.94 -12.32 -17.21
N GLY A 166 -20.64 -13.57 -16.92
CA GLY A 166 -20.07 -14.48 -17.93
C GLY A 166 -18.58 -14.53 -17.80
N VAL A 167 -18.05 -13.82 -16.81
CA VAL A 167 -16.58 -13.69 -16.65
C VAL A 167 -16.00 -14.86 -15.88
N HIS A 168 -15.14 -15.63 -16.53
CA HIS A 168 -14.40 -16.72 -15.84
C HIS A 168 -12.92 -16.51 -16.09
N THR A 169 -12.20 -15.97 -15.13
CA THR A 169 -10.75 -15.91 -15.27
C THR A 169 -10.26 -17.24 -14.76
N PHE A 170 -9.77 -18.09 -15.65
CA PHE A 170 -9.31 -19.44 -15.29
C PHE A 170 -8.02 -19.32 -14.50
N PRO A 171 -7.72 -20.26 -13.60
CA PRO A 171 -6.46 -20.23 -12.92
C PRO A 171 -5.16 -20.36 -13.74
N ALA A 172 -4.08 -19.75 -13.28
CA ALA A 172 -2.79 -19.69 -13.97
C ALA A 172 -1.95 -20.97 -13.97
N VAL A 173 -1.14 -21.14 -14.96
CA VAL A 173 -0.27 -22.32 -15.07
C VAL A 173 1.17 -21.87 -14.90
N LEU A 174 1.90 -22.50 -14.02
CA LEU A 174 3.34 -22.28 -13.87
C LEU A 174 3.97 -23.13 -14.96
N GLN A 175 4.58 -22.46 -15.92
CA GLN A 175 5.19 -23.17 -17.04
C GLN A 175 6.62 -23.52 -16.68
N SER A 176 7.25 -24.35 -17.49
CA SER A 176 8.63 -24.84 -17.25
C SER A 176 9.63 -23.69 -17.24
N SER A 177 9.44 -22.64 -18.02
CA SER A 177 10.30 -21.45 -18.03
C SER A 177 10.34 -20.75 -16.68
N GLY A 178 9.36 -21.04 -15.83
CA GLY A 178 9.28 -20.42 -14.50
C GLY A 178 8.40 -19.23 -14.58
N LEU A 179 7.63 -19.15 -15.63
CA LEU A 179 6.70 -18.03 -15.79
C LEU A 179 5.26 -18.53 -15.75
N TYR A 180 4.34 -17.61 -15.71
CA TYR A 180 2.92 -17.99 -15.57
C TYR A 180 2.10 -17.53 -16.77
N SER A 181 1.10 -18.30 -17.14
CA SER A 181 0.14 -17.89 -18.19
C SER A 181 -1.27 -17.94 -17.57
N LEU A 182 -2.18 -17.11 -18.03
CA LEU A 182 -3.57 -17.14 -17.56
C LEU A 182 -4.48 -16.84 -18.75
N SER A 183 -5.75 -17.20 -18.66
CA SER A 183 -6.76 -16.95 -19.71
C SER A 183 -8.06 -16.55 -19.03
N SER A 184 -8.73 -15.56 -19.59
CA SER A 184 -9.98 -15.05 -19.03
C SER A 184 -11.02 -15.10 -20.13
N VAL A 185 -12.13 -15.73 -19.89
CA VAL A 185 -13.12 -15.91 -20.97
C VAL A 185 -14.45 -15.29 -20.56
N VAL A 186 -15.02 -14.45 -21.41
CA VAL A 186 -16.38 -13.95 -21.14
C VAL A 186 -17.31 -14.54 -22.19
N THR A 187 -18.40 -15.15 -21.75
CA THR A 187 -19.41 -15.73 -22.66
C THR A 187 -20.45 -14.66 -22.92
N VAL A 188 -20.72 -14.39 -24.19
CA VAL A 188 -21.60 -13.26 -24.52
C VAL A 188 -22.65 -13.69 -25.54
N PRO A 189 -23.83 -13.03 -25.64
CA PRO A 189 -24.74 -13.27 -26.74
C PRO A 189 -24.03 -13.15 -28.08
N SER A 190 -24.26 -14.09 -29.00
CA SER A 190 -23.53 -14.07 -30.30
C SER A 190 -24.02 -12.93 -31.18
N SER A 191 -24.97 -12.14 -30.71
CA SER A 191 -25.59 -11.07 -31.52
C SER A 191 -25.01 -9.71 -31.15
N SER A 192 -24.27 -9.68 -30.06
CA SER A 192 -23.64 -8.43 -29.59
C SER A 192 -22.26 -8.35 -30.22
N LEU A 193 -21.70 -9.33 -30.69
CA LEU A 193 -20.33 -9.37 -31.22
C LEU A 193 -20.08 -8.30 -32.26
N GLY A 194 -21.12 -7.84 -32.92
CA GLY A 194 -20.97 -6.80 -33.94
C GLY A 194 -21.43 -5.45 -33.44
N THR A 195 -22.16 -5.40 -32.35
CA THR A 195 -22.72 -4.12 -31.85
C THR A 195 -22.07 -3.73 -30.52
N GLN A 196 -21.29 -4.62 -29.89
CA GLN A 196 -20.72 -4.34 -28.55
C GLN A 196 -19.20 -4.50 -28.53
N THR A 197 -18.50 -3.46 -28.09
CA THR A 197 -17.03 -3.53 -27.94
C THR A 197 -16.72 -4.31 -26.68
N TYR A 198 -15.74 -5.21 -26.78
CA TYR A 198 -15.32 -6.02 -25.61
C TYR A 198 -13.82 -5.77 -25.42
N ILE A 199 -13.45 -5.12 -24.32
CA ILE A 199 -12.02 -4.82 -24.03
C ILE A 199 -11.59 -5.52 -22.74
N CYS A 200 -10.47 -6.21 -22.80
CA CYS A 200 -9.89 -6.83 -21.60
C CYS A 200 -8.89 -5.88 -20.97
N ASN A 201 -9.03 -5.65 -19.69
CA ASN A 201 -8.11 -4.81 -18.94
C ASN A 201 -7.27 -5.74 -18.08
N VAL A 202 -5.98 -5.84 -18.40
CA VAL A 202 -5.03 -6.71 -17.71
C VAL A 202 -4.13 -5.84 -16.86
N ASN A 203 -4.11 -6.12 -15.55
CA ASN A 203 -3.31 -5.38 -14.59
C ASN A 203 -2.38 -6.36 -13.86
N HIS A 204 -1.08 -6.04 -13.87
CA HIS A 204 -0.07 -6.85 -13.19
C HIS A 204 0.77 -5.86 -12.36
N LYS A 205 0.40 -5.71 -11.10
CA LYS A 205 1.03 -4.71 -10.19
C LYS A 205 2.54 -4.99 -9.98
N PRO A 206 3.04 -6.23 -9.78
CA PRO A 206 4.46 -6.44 -9.63
C PRO A 206 5.37 -5.77 -10.67
N SER A 207 4.92 -5.68 -11.93
CA SER A 207 5.72 -5.14 -13.04
C SER A 207 5.23 -3.77 -13.42
N ASN A 208 4.10 -3.40 -12.88
CA ASN A 208 3.46 -2.10 -13.17
C ASN A 208 2.98 -2.15 -14.59
N THR A 209 2.40 -3.30 -14.95
CA THR A 209 1.89 -3.45 -16.31
C THR A 209 0.38 -3.22 -16.29
N LYS A 210 -0.15 -2.45 -17.17
CA LYS A 210 -1.61 -2.23 -17.31
C LYS A 210 -1.92 -2.11 -18.80
N VAL A 211 -2.51 -3.06 -19.43
CA VAL A 211 -2.78 -3.11 -20.86
C VAL A 211 -4.28 -3.30 -21.07
N ASP A 212 -4.77 -2.82 -22.21
CA ASP A 212 -6.17 -3.00 -22.60
C ASP A 212 -6.21 -3.48 -24.04
N LYS A 213 -6.79 -4.65 -24.26
CA LYS A 213 -6.90 -5.22 -25.60
C LYS A 213 -8.36 -5.37 -26.02
N LYS A 214 -8.65 -4.97 -27.26
CA LYS A 214 -9.98 -5.13 -27.81
C LYS A 214 -10.05 -6.45 -28.55
N VAL A 215 -11.09 -7.24 -28.28
CA VAL A 215 -11.24 -8.57 -28.87
C VAL A 215 -12.24 -8.46 -30.02
N GLU A 216 -11.77 -8.68 -31.23
CA GLU A 216 -12.56 -8.60 -32.44
C GLU A 216 -12.47 -9.90 -33.22
N PRO A 217 -13.55 -10.30 -33.92
CA PRO A 217 -13.52 -11.47 -34.79
C PRO A 217 -12.53 -11.33 -35.95
N VAL B 3 2.98 -28.46 16.48
CA VAL B 3 1.83 -28.66 15.57
C VAL B 3 0.88 -29.69 16.17
N LEU B 4 -0.39 -29.32 16.31
CA LEU B 4 -1.41 -30.24 16.82
C LEU B 4 -1.80 -31.17 15.68
N THR B 5 -2.07 -32.42 15.97
CA THR B 5 -2.28 -33.47 14.98
C THR B 5 -3.76 -33.58 14.65
N GLN B 6 -4.09 -33.40 13.38
CA GLN B 6 -5.43 -33.56 12.85
C GLN B 6 -5.38 -34.54 11.69
N PRO B 7 -6.50 -35.23 11.40
CA PRO B 7 -6.55 -36.02 10.18
C PRO B 7 -6.44 -35.13 8.96
N ALA B 8 -5.77 -35.66 7.93
CA ALA B 8 -5.59 -34.89 6.70
C ALA B 8 -6.91 -34.67 5.97
N SER B 9 -7.78 -35.69 5.96
CA SER B 9 -9.04 -35.62 5.26
C SER B 9 -10.14 -36.26 6.08
N VAL B 10 -11.36 -35.75 5.90
CA VAL B 10 -12.57 -36.30 6.49
C VAL B 10 -13.70 -36.07 5.51
N SER B 11 -14.57 -37.06 5.38
CA SER B 11 -15.65 -37.00 4.41
C SER B 11 -16.96 -37.42 5.05
N GLY B 12 -18.05 -37.12 4.36
CA GLY B 12 -19.37 -37.45 4.86
C GLY B 12 -20.41 -37.08 3.81
N SER B 13 -21.63 -37.51 4.08
CA SER B 13 -22.76 -37.30 3.21
C SER B 13 -23.71 -36.26 3.79
N PRO B 14 -24.52 -35.61 2.95
CA PRO B 14 -25.45 -34.61 3.47
C PRO B 14 -26.38 -35.21 4.52
N GLY B 15 -26.60 -34.46 5.60
CA GLY B 15 -27.41 -34.89 6.71
C GLY B 15 -26.67 -35.65 7.79
N GLN B 16 -25.50 -36.15 7.47
CA GLN B 16 -24.73 -36.96 8.41
C GLN B 16 -23.92 -36.08 9.35
N SER B 17 -23.37 -36.70 10.37
CA SER B 17 -22.60 -35.96 11.37
C SER B 17 -21.17 -36.44 11.32
N ILE B 18 -20.25 -35.50 11.13
CA ILE B 18 -18.81 -35.84 11.02
C ILE B 18 -18.07 -35.23 12.19
N THR B 19 -16.96 -35.83 12.60
CA THR B 19 -16.14 -35.38 13.72
C THR B 19 -14.69 -35.27 13.30
N ILE B 20 -14.07 -34.13 13.69
CA ILE B 20 -12.63 -33.86 13.42
C ILE B 20 -11.88 -33.84 14.75
N SER B 21 -10.83 -34.68 14.90
CA SER B 21 -10.03 -34.75 16.10
C SER B 21 -8.88 -33.76 16.04
N CYS B 22 -8.34 -33.44 17.22
CA CYS B 22 -7.19 -32.54 17.35
C CYS B 22 -6.44 -32.96 18.60
N THR B 23 -5.32 -33.65 18.41
CA THR B 23 -4.56 -34.22 19.51
C THR B 23 -3.33 -33.36 19.78
N GLY B 24 -3.20 -32.90 21.01
CA GLY B 24 -2.03 -32.15 21.43
C GLY B 24 -1.36 -32.76 22.64
N THR B 25 -0.66 -31.94 23.40
CA THR B 25 0.03 -32.36 24.65
C THR B 25 -0.65 -31.67 25.81
N SER B 26 -0.02 -31.64 26.98
CA SER B 26 -0.69 -31.10 28.18
C SER B 26 -0.19 -29.69 28.36
N SER B 27 0.61 -29.27 27.40
CA SER B 27 1.09 -27.88 27.44
C SER B 27 0.16 -27.05 26.56
N ASP B 28 -0.67 -27.71 25.76
CA ASP B 28 -1.67 -27.01 24.94
C ASP B 28 -3.06 -27.53 25.33
N VAL B 29 -3.60 -28.51 24.61
CA VAL B 29 -5.00 -28.95 24.85
C VAL B 29 -5.24 -29.44 26.28
N GLY B 30 -4.30 -30.17 26.90
CA GLY B 30 -4.60 -30.72 28.21
C GLY B 30 -4.29 -29.88 29.42
N GLY B 31 -3.73 -28.68 29.26
CA GLY B 31 -3.40 -27.83 30.40
C GLY B 31 -4.29 -26.60 30.47
N TYR B 32 -5.06 -26.37 29.39
CA TYR B 32 -5.96 -25.23 29.31
C TYR B 32 -7.26 -25.66 28.65
N ASN B 33 -8.32 -24.89 28.92
CA ASN B 33 -9.60 -25.04 28.24
C ASN B 33 -9.77 -24.01 27.14
N TYR B 34 -8.66 -23.64 26.49
CA TYR B 34 -8.65 -22.64 25.42
C TYR B 34 -8.34 -23.36 24.12
N VAL B 35 -9.40 -23.90 23.49
CA VAL B 35 -9.29 -24.59 22.22
C VAL B 35 -10.27 -23.94 21.26
N SER B 36 -9.73 -23.43 20.17
CA SER B 36 -10.50 -22.70 19.17
C SER B 36 -10.53 -23.48 17.86
N TRP B 37 -11.62 -23.34 17.15
CA TRP B 37 -11.77 -24.04 15.88
C TRP B 37 -12.05 -23.01 14.81
N TYR B 38 -11.33 -23.11 13.69
CA TYR B 38 -11.46 -22.12 12.60
C TYR B 38 -11.83 -22.79 11.30
N GLN B 39 -12.74 -22.15 10.55
CA GLN B 39 -13.12 -22.61 9.22
C GLN B 39 -12.56 -21.66 8.18
N GLN B 40 -11.87 -22.20 7.18
CA GLN B 40 -11.28 -21.40 6.12
C GLN B 40 -11.70 -21.97 4.78
N HIS B 41 -12.36 -21.12 3.96
CA HIS B 41 -12.72 -21.34 2.57
C HIS B 41 -11.62 -20.79 1.66
N PRO B 42 -11.50 -21.34 0.45
CA PRO B 42 -10.42 -20.88 -0.45
C PRO B 42 -10.52 -19.39 -0.75
N GLY B 43 -9.39 -18.71 -0.63
CA GLY B 43 -9.32 -17.28 -0.88
C GLY B 43 -9.92 -16.40 0.19
N LYS B 44 -10.12 -17.01 1.37
CA LYS B 44 -10.76 -16.29 2.48
C LYS B 44 -9.92 -16.48 3.73
N ALA B 45 -10.16 -15.64 4.71
CA ALA B 45 -9.44 -15.70 5.98
C ALA B 45 -10.17 -16.69 6.85
N PRO B 46 -9.58 -17.22 7.95
CA PRO B 46 -10.33 -18.15 8.73
C PRO B 46 -11.45 -17.51 9.57
N LYS B 47 -12.54 -18.24 9.79
CA LYS B 47 -13.67 -17.73 10.62
C LYS B 47 -13.77 -18.56 11.89
N LEU B 48 -13.88 -17.90 13.02
CA LEU B 48 -14.07 -18.62 14.27
C LEU B 48 -15.38 -19.39 14.28
N MET B 49 -15.29 -20.70 14.55
CA MET B 49 -16.45 -21.61 14.60
C MET B 49 -16.75 -22.03 16.04
N ILE B 50 -15.74 -22.45 16.79
CA ILE B 50 -15.89 -22.86 18.21
C ILE B 50 -14.73 -22.27 19.03
N TYR B 51 -15.02 -21.78 20.24
CA TYR B 51 -14.01 -21.27 21.20
C TYR B 51 -14.22 -21.88 22.59
N ASP B 52 -13.25 -21.70 23.49
CA ASP B 52 -13.29 -22.21 24.88
C ASP B 52 -13.90 -23.60 24.90
N VAL B 53 -13.36 -24.50 24.07
CA VAL B 53 -13.80 -25.91 23.94
C VAL B 53 -15.23 -26.06 23.41
N ASN B 54 -16.24 -25.60 24.14
CA ASN B 54 -17.65 -25.86 23.79
C ASN B 54 -18.41 -24.59 23.45
N ASN B 55 -17.86 -23.44 23.77
CA ASN B 55 -18.61 -22.21 23.49
C ASN B 55 -18.69 -21.99 21.98
N ARG B 56 -19.84 -21.49 21.56
CA ARG B 56 -20.11 -21.26 20.14
C ARG B 56 -20.49 -19.80 19.95
N PRO B 57 -19.94 -19.05 18.99
CA PRO B 57 -20.35 -17.67 18.74
C PRO B 57 -21.72 -17.62 18.06
N SER B 58 -22.32 -16.42 18.09
CA SER B 58 -23.68 -16.23 17.62
C SER B 58 -23.86 -16.46 16.12
N GLU B 59 -22.83 -16.38 15.31
CA GLU B 59 -23.01 -16.49 13.85
C GLU B 59 -22.84 -17.91 13.39
N VAL B 60 -22.68 -18.87 14.30
CA VAL B 60 -22.43 -20.25 13.95
C VAL B 60 -23.67 -21.07 14.24
N SER B 61 -24.11 -21.86 13.24
CA SER B 61 -25.25 -22.74 13.41
C SER B 61 -24.99 -23.71 14.55
N ASN B 62 -26.06 -24.10 15.24
CA ASN B 62 -25.94 -25.00 16.38
C ASN B 62 -25.54 -26.42 15.96
N ARG B 63 -25.26 -26.62 14.67
CA ARG B 63 -24.77 -27.92 14.17
C ARG B 63 -23.31 -28.11 14.58
N PHE B 64 -22.62 -27.09 15.07
CA PHE B 64 -21.21 -27.13 15.40
C PHE B 64 -21.05 -27.23 16.92
N SER B 65 -20.47 -28.33 17.38
CA SER B 65 -20.22 -28.54 18.80
C SER B 65 -18.74 -28.82 19.04
N GLY B 66 -18.31 -28.53 20.26
CA GLY B 66 -16.94 -28.83 20.68
C GLY B 66 -16.87 -29.76 21.87
N SER B 67 -15.83 -30.57 21.94
CA SER B 67 -15.65 -31.55 23.03
C SER B 67 -14.18 -31.61 23.42
N LYS B 68 -13.84 -31.92 24.67
CA LYS B 68 -12.42 -32.13 25.04
C LYS B 68 -12.30 -33.38 25.89
N SER B 69 -11.33 -34.21 25.58
CA SER B 69 -11.14 -35.48 26.31
C SER B 69 -9.65 -35.66 26.54
N GLY B 70 -9.13 -35.04 27.59
CA GLY B 70 -7.70 -35.19 27.89
C GLY B 70 -6.84 -34.25 27.09
N ASN B 71 -5.97 -34.79 26.27
CA ASN B 71 -5.13 -33.92 25.41
C ASN B 71 -5.71 -33.93 23.98
N THR B 72 -6.87 -34.54 23.81
CA THR B 72 -7.54 -34.59 22.48
C THR B 72 -8.79 -33.72 22.49
N ALA B 73 -8.95 -32.90 21.47
CA ALA B 73 -10.17 -32.10 21.35
C ALA B 73 -10.93 -32.54 20.12
N SER B 74 -12.18 -32.14 20.04
CA SER B 74 -13.02 -32.66 18.98
C SER B 74 -14.00 -31.60 18.50
N LEU B 75 -14.20 -31.52 17.19
CA LEU B 75 -15.19 -30.64 16.59
C LEU B 75 -16.19 -31.49 15.83
N THR B 76 -17.48 -31.35 16.17
CA THR B 76 -18.54 -32.14 15.56
C THR B 76 -19.43 -31.23 14.72
N ILE B 77 -19.71 -31.66 13.49
CA ILE B 77 -20.58 -30.96 12.57
C ILE B 77 -21.75 -31.88 12.24
N SER B 78 -22.97 -31.51 12.64
CA SER B 78 -24.16 -32.40 12.60
C SER B 78 -25.01 -32.46 11.35
N GLY B 79 -25.41 -31.36 10.76
CA GLY B 79 -26.27 -31.59 9.59
C GLY B 79 -25.46 -31.22 8.40
N LEU B 80 -24.81 -32.18 7.76
CA LEU B 80 -23.80 -31.74 6.78
C LEU B 80 -24.39 -31.08 5.56
N GLN B 81 -23.88 -29.91 5.24
CA GLN B 81 -24.26 -29.18 4.04
C GLN B 81 -23.05 -29.09 3.10
N ALA B 82 -23.33 -28.83 1.83
CA ALA B 82 -22.26 -28.65 0.87
C ALA B 82 -21.36 -27.48 1.23
N GLU B 83 -21.93 -26.45 1.86
CA GLU B 83 -21.18 -25.26 2.25
C GLU B 83 -20.18 -25.54 3.37
N ASP B 84 -20.25 -26.69 4.02
CA ASP B 84 -19.31 -27.03 5.08
C ASP B 84 -17.98 -27.52 4.54
N GLU B 85 -17.89 -27.80 3.24
CA GLU B 85 -16.63 -28.22 2.62
C GLU B 85 -15.64 -27.06 2.68
N ALA B 86 -14.62 -27.20 3.52
CA ALA B 86 -13.59 -26.19 3.71
C ALA B 86 -12.45 -26.83 4.48
N ASP B 87 -11.49 -26.02 4.90
CA ASP B 87 -10.40 -26.48 5.76
C ASP B 87 -10.71 -26.08 7.20
N TYR B 88 -10.44 -26.98 8.13
CA TYR B 88 -10.74 -26.75 9.54
C TYR B 88 -9.46 -26.88 10.35
N TYR B 89 -9.18 -25.84 11.14
CA TYR B 89 -7.94 -25.76 11.92
C TYR B 89 -8.27 -25.64 13.39
N CYS B 90 -7.58 -26.40 14.21
CA CYS B 90 -7.72 -26.23 15.67
C CYS B 90 -6.58 -25.35 16.18
N SER B 91 -6.85 -24.54 17.19
CA SER B 91 -5.83 -23.69 17.81
C SER B 91 -5.84 -23.99 19.30
N SER B 92 -4.68 -23.84 19.92
CA SER B 92 -4.62 -23.96 21.39
C SER B 92 -3.69 -22.94 21.97
N TYR B 93 -4.03 -22.51 23.16
CA TYR B 93 -3.13 -21.68 23.93
C TYR B 93 -2.08 -22.58 24.58
N THR B 94 -0.81 -22.25 24.37
CA THR B 94 0.31 -22.99 24.92
C THR B 94 1.07 -22.17 25.94
N THR B 95 1.72 -22.89 26.87
CA THR B 95 2.43 -22.28 27.98
C THR B 95 3.43 -21.25 27.50
N GLY B 96 3.46 -20.12 28.19
CA GLY B 96 4.30 -19.01 27.81
C GLY B 96 3.60 -17.95 27.00
N SER B 97 2.28 -17.82 27.13
CA SER B 97 1.47 -16.90 26.34
C SER B 97 1.69 -17.15 24.84
N ARG B 98 1.87 -18.41 24.50
CA ARG B 98 2.08 -18.78 23.09
C ARG B 98 0.80 -19.34 22.52
N ALA B 99 0.80 -19.67 21.25
CA ALA B 99 -0.38 -20.30 20.64
C ALA B 99 0.11 -21.31 19.62
N VAL B 100 -0.73 -22.28 19.27
CA VAL B 100 -0.34 -23.36 18.34
C VAL B 100 -1.51 -23.73 17.44
N PHE B 101 -1.27 -23.92 16.16
CA PHE B 101 -2.32 -24.29 15.22
C PHE B 101 -2.12 -25.76 14.81
N GLY B 102 -3.14 -26.35 14.22
CA GLY B 102 -3.04 -27.72 13.74
C GLY B 102 -2.65 -27.75 12.27
N GLY B 103 -2.61 -28.94 11.70
CA GLY B 103 -2.14 -29.02 10.32
C GLY B 103 -3.23 -28.74 9.34
N GLY B 104 -4.45 -29.02 9.73
CA GLY B 104 -5.57 -28.80 8.83
C GLY B 104 -6.33 -30.05 8.51
N THR B 105 -7.63 -29.91 8.40
CA THR B 105 -8.48 -31.02 7.96
C THR B 105 -9.27 -30.54 6.77
N LYS B 106 -9.19 -31.27 5.67
CA LYS B 106 -10.03 -31.00 4.51
C LYS B 106 -11.33 -31.78 4.65
N LEU B 107 -12.42 -31.12 4.87
CA LEU B 107 -13.76 -31.75 4.94
C LEU B 107 -14.31 -31.87 3.55
N THR B 108 -14.75 -33.10 3.18
CA THR B 108 -15.33 -33.37 1.85
C THR B 108 -16.77 -33.83 2.00
N VAL B 109 -17.68 -33.23 1.21
CA VAL B 109 -19.11 -33.69 1.21
C VAL B 109 -19.28 -34.61 0.00
N LEU B 110 -19.55 -35.89 0.27
CA LEU B 110 -19.51 -36.94 -0.76
C LEU B 110 -20.83 -37.26 -1.41
N GLY B 111 -21.50 -36.30 -2.03
CA GLY B 111 -22.72 -36.67 -2.76
C GLY B 111 -22.88 -35.92 -4.05
N GLN B 112 -21.88 -35.12 -4.41
CA GLN B 112 -21.98 -34.25 -5.59
C GLN B 112 -22.21 -35.06 -6.84
N PRO B 113 -23.09 -34.57 -7.73
CA PRO B 113 -23.35 -35.27 -8.96
C PRO B 113 -22.34 -35.13 -10.09
N LYS B 114 -22.07 -36.25 -10.75
CA LYS B 114 -21.17 -36.24 -11.91
C LYS B 114 -21.58 -35.19 -12.93
N ALA B 115 -20.62 -34.38 -13.31
CA ALA B 115 -20.83 -33.34 -14.31
C ALA B 115 -19.75 -33.46 -15.37
N ASN B 116 -20.17 -33.37 -16.67
CA ASN B 116 -19.28 -33.54 -17.81
C ASN B 116 -18.64 -32.22 -18.21
N PRO B 117 -17.40 -32.27 -18.68
CA PRO B 117 -16.67 -31.02 -18.95
C PRO B 117 -17.05 -30.39 -20.28
N THR B 118 -17.09 -29.06 -20.28
CA THR B 118 -17.23 -28.28 -21.50
C THR B 118 -15.85 -27.80 -21.93
N VAL B 119 -15.51 -28.03 -23.20
CA VAL B 119 -14.19 -27.73 -23.75
C VAL B 119 -14.32 -26.58 -24.73
N THR B 120 -13.49 -25.55 -24.56
CA THR B 120 -13.40 -24.44 -25.49
C THR B 120 -11.96 -24.33 -25.96
N LEU B 121 -11.75 -24.38 -27.27
CA LEU B 121 -10.42 -24.39 -27.85
C LEU B 121 -10.23 -23.14 -28.72
N PHE B 122 -9.25 -22.31 -28.35
CA PHE B 122 -8.91 -21.10 -29.08
C PHE B 122 -7.60 -21.29 -29.84
N PRO B 123 -7.58 -20.94 -31.12
CA PRO B 123 -6.36 -21.01 -31.92
C PRO B 123 -5.45 -19.83 -31.64
N PRO B 124 -4.23 -19.82 -32.19
CA PRO B 124 -3.36 -18.65 -32.03
C PRO B 124 -3.95 -17.41 -32.69
N SER B 125 -3.73 -16.27 -32.05
CA SER B 125 -4.17 -15.00 -32.60
C SER B 125 -3.15 -14.47 -33.60
N SER B 126 -3.60 -13.66 -34.55
CA SER B 126 -2.70 -13.06 -35.57
C SER B 126 -1.66 -12.17 -34.89
N GLU B 127 -2.03 -11.51 -33.82
CA GLU B 127 -1.12 -10.64 -33.07
C GLU B 127 0.00 -11.47 -32.48
N GLU B 128 -0.23 -12.71 -32.21
CA GLU B 128 0.83 -13.53 -31.64
C GLU B 128 1.68 -14.19 -32.72
N LEU B 129 1.11 -14.52 -33.85
CA LEU B 129 1.87 -15.15 -34.93
C LEU B 129 2.78 -14.08 -35.55
N GLN B 130 2.41 -12.81 -35.42
CA GLN B 130 3.23 -11.71 -35.96
C GLN B 130 4.49 -11.59 -35.13
N ALA B 131 4.45 -12.01 -33.87
CA ALA B 131 5.62 -11.92 -32.97
C ALA B 131 6.39 -13.22 -33.03
N ASN B 132 6.08 -14.05 -34.00
CA ASN B 132 6.78 -15.34 -34.21
C ASN B 132 6.53 -16.29 -33.06
N LYS B 133 5.29 -16.34 -32.58
CA LYS B 133 4.89 -17.21 -31.46
C LYS B 133 3.53 -17.83 -31.78
N ALA B 134 3.23 -19.00 -31.23
CA ALA B 134 1.94 -19.63 -31.42
C ALA B 134 1.55 -20.33 -30.14
N THR B 135 0.29 -20.18 -29.73
CA THR B 135 -0.20 -20.84 -28.52
C THR B 135 -1.66 -21.21 -28.73
N LEU B 136 -1.98 -22.49 -28.56
CA LEU B 136 -3.35 -22.97 -28.54
C LEU B 136 -3.82 -23.09 -27.10
N VAL B 137 -5.06 -22.68 -26.84
CA VAL B 137 -5.61 -22.64 -25.47
C VAL B 137 -6.85 -23.52 -25.29
N CYS B 138 -6.76 -24.55 -24.43
CA CYS B 138 -7.91 -25.44 -24.12
C CYS B 138 -8.43 -25.08 -22.74
N LEU B 139 -9.66 -24.61 -22.66
CA LEU B 139 -10.29 -24.28 -21.38
C LEU B 139 -11.37 -25.30 -21.03
N ILE B 140 -11.17 -26.10 -19.97
CA ILE B 140 -12.08 -27.14 -19.53
C ILE B 140 -12.85 -26.61 -18.34
N SER B 141 -14.18 -26.67 -18.41
CA SER B 141 -15.06 -26.06 -17.39
C SER B 141 -16.16 -26.99 -16.90
N ASP B 142 -16.65 -26.78 -15.68
CA ASP B 142 -17.84 -27.46 -15.11
C ASP B 142 -17.73 -28.97 -15.09
N PHE B 143 -16.70 -29.48 -14.45
CA PHE B 143 -16.50 -30.93 -14.37
C PHE B 143 -16.45 -31.41 -12.92
N TYR B 144 -16.98 -32.60 -12.68
CA TYR B 144 -16.83 -33.20 -11.38
C TYR B 144 -16.93 -34.70 -11.57
N PRO B 145 -16.07 -35.50 -10.92
CA PRO B 145 -15.01 -35.07 -9.98
C PRO B 145 -13.81 -34.41 -10.66
N GLY B 146 -12.87 -33.92 -9.84
CA GLY B 146 -11.78 -33.10 -10.33
C GLY B 146 -10.57 -33.83 -10.84
N ALA B 147 -10.77 -34.74 -11.79
CA ALA B 147 -9.68 -35.45 -12.43
C ALA B 147 -9.92 -35.47 -13.94
N VAL B 148 -8.94 -34.97 -14.70
CA VAL B 148 -9.02 -34.95 -16.16
C VAL B 148 -7.63 -35.25 -16.72
N THR B 149 -7.72 -35.75 -18.02
CA THR B 149 -6.51 -36.02 -18.82
C THR B 149 -6.64 -35.14 -20.06
N VAL B 150 -5.49 -34.45 -20.43
CA VAL B 150 -5.52 -33.67 -21.66
C VAL B 150 -4.50 -34.23 -22.62
N ALA B 151 -4.90 -34.40 -23.87
CA ALA B 151 -4.02 -34.88 -24.93
C ALA B 151 -4.18 -33.99 -26.15
N TRP B 152 -3.05 -33.64 -26.77
CA TRP B 152 -3.06 -32.81 -27.96
C TRP B 152 -2.66 -33.66 -29.17
N LYS B 153 -3.29 -33.40 -30.31
CA LYS B 153 -3.01 -34.14 -31.52
C LYS B 153 -2.87 -33.19 -32.69
N ALA B 154 -1.88 -33.44 -33.52
CA ALA B 154 -1.67 -32.67 -34.76
C ALA B 154 -1.90 -33.62 -35.92
N ASP B 155 -3.05 -33.54 -36.56
CA ASP B 155 -3.38 -34.43 -37.68
C ASP B 155 -3.52 -35.88 -37.18
N GLY B 156 -3.92 -36.05 -35.93
CA GLY B 156 -4.13 -37.39 -35.39
C GLY B 156 -2.93 -37.90 -34.64
N SER B 157 -1.80 -37.23 -34.79
CA SER B 157 -0.56 -37.71 -34.18
C SER B 157 -0.37 -37.08 -32.81
N PRO B 158 -0.15 -37.90 -31.78
CA PRO B 158 0.15 -37.38 -30.47
C PRO B 158 1.27 -36.35 -30.38
N VAL B 159 0.96 -35.14 -29.90
CA VAL B 159 1.94 -34.04 -29.71
C VAL B 159 2.58 -34.32 -28.38
N LYS B 160 3.89 -34.23 -28.32
CA LYS B 160 4.62 -34.63 -27.11
C LYS B 160 5.06 -33.40 -26.35
N ALA B 161 5.66 -32.43 -27.02
CA ALA B 161 6.21 -31.26 -26.30
C ALA B 161 5.39 -29.97 -26.43
N GLY B 162 5.71 -28.93 -25.66
CA GLY B 162 4.95 -27.71 -25.62
C GLY B 162 3.63 -27.76 -24.87
N VAL B 163 3.37 -28.79 -24.08
CA VAL B 163 2.10 -28.93 -23.37
C VAL B 163 2.29 -28.52 -21.93
N GLU B 164 1.41 -27.58 -21.48
CA GLU B 164 1.42 -27.09 -20.09
C GLU B 164 0.00 -27.12 -19.54
N THR B 165 -0.27 -28.02 -18.56
CA THR B 165 -1.62 -28.24 -18.06
C THR B 165 -1.72 -27.89 -16.58
N THR B 166 -2.82 -27.26 -16.19
CA THR B 166 -3.05 -26.90 -14.80
C THR B 166 -3.56 -28.09 -14.00
N LYS B 167 -3.35 -28.02 -12.69
CA LYS B 167 -4.04 -28.92 -11.78
C LYS B 167 -5.48 -28.46 -11.65
N PRO B 168 -6.45 -29.39 -11.63
CA PRO B 168 -7.85 -28.98 -11.49
C PRO B 168 -8.09 -28.15 -10.24
N SER B 169 -8.94 -27.13 -10.37
CA SER B 169 -9.23 -26.19 -9.30
C SER B 169 -10.72 -25.92 -9.28
N LYS B 170 -11.24 -25.76 -8.02
CA LYS B 170 -12.69 -25.58 -7.81
C LYS B 170 -13.20 -24.20 -8.18
N GLN B 171 -14.42 -24.19 -8.79
CA GLN B 171 -15.07 -22.95 -9.19
C GLN B 171 -16.07 -22.52 -8.13
N SER B 172 -16.86 -21.49 -8.45
CA SER B 172 -17.92 -21.02 -7.55
C SER B 172 -19.09 -21.97 -7.49
N ASN B 173 -19.29 -22.74 -8.57
CA ASN B 173 -20.40 -23.71 -8.63
C ASN B 173 -19.98 -25.04 -8.04
N ASN B 174 -18.84 -25.09 -7.39
CA ASN B 174 -18.34 -26.33 -6.73
C ASN B 174 -17.95 -27.35 -7.79
N LYS B 175 -17.78 -26.88 -9.01
CA LYS B 175 -17.33 -27.77 -10.09
C LYS B 175 -15.89 -27.39 -10.35
N TYR B 176 -15.21 -28.11 -11.21
CA TYR B 176 -13.79 -27.92 -11.45
C TYR B 176 -13.52 -27.29 -12.81
N ALA B 177 -12.38 -26.62 -12.89
CA ALA B 177 -11.91 -25.95 -14.09
C ALA B 177 -10.44 -26.27 -14.28
N ALA B 178 -10.04 -26.39 -15.54
CA ALA B 178 -8.64 -26.66 -15.87
C ALA B 178 -8.30 -25.98 -17.18
N SER B 179 -6.98 -25.86 -17.41
CA SER B 179 -6.48 -25.22 -18.66
C SER B 179 -5.31 -25.98 -19.26
N SER B 180 -5.23 -26.02 -20.58
CA SER B 180 -4.05 -26.62 -21.27
C SER B 180 -3.55 -25.67 -22.34
N TYR B 181 -2.26 -25.50 -22.37
CA TYR B 181 -1.65 -24.61 -23.34
C TYR B 181 -0.67 -25.40 -24.18
N LEU B 182 -0.81 -25.30 -25.50
CA LEU B 182 0.14 -25.93 -26.45
C LEU B 182 0.92 -24.84 -27.16
N SER B 183 2.18 -24.72 -26.80
CA SER B 183 3.06 -23.73 -27.42
C SER B 183 3.68 -24.32 -28.68
N LEU B 184 3.53 -23.60 -29.79
CA LEU B 184 4.04 -24.01 -31.08
C LEU B 184 4.76 -22.85 -31.75
N THR B 185 5.66 -23.20 -32.65
CA THR B 185 6.21 -22.24 -33.58
C THR B 185 5.21 -22.00 -34.71
N PRO B 186 5.24 -20.82 -35.34
CA PRO B 186 4.31 -20.58 -36.45
C PRO B 186 4.43 -21.58 -37.58
N GLU B 187 5.62 -22.18 -37.77
CA GLU B 187 5.79 -23.13 -38.86
C GLU B 187 5.08 -24.44 -38.56
N GLN B 188 5.15 -24.92 -37.33
CA GLN B 188 4.40 -26.12 -36.95
C GLN B 188 2.91 -25.83 -37.08
N TRP B 189 2.48 -24.65 -36.72
CA TRP B 189 1.06 -24.34 -36.73
C TRP B 189 0.53 -24.27 -38.16
N LYS B 190 1.32 -23.73 -39.08
CA LYS B 190 0.92 -23.60 -40.47
C LYS B 190 1.20 -24.86 -41.29
N SER B 191 1.86 -25.86 -40.75
CA SER B 191 2.11 -27.12 -41.48
C SER B 191 0.99 -28.15 -41.34
N HIS B 192 0.39 -28.27 -40.18
CA HIS B 192 -0.60 -29.36 -39.97
C HIS B 192 -1.99 -28.88 -40.37
N ARG B 193 -2.86 -29.80 -40.77
CA ARG B 193 -4.19 -29.41 -41.29
C ARG B 193 -5.06 -29.04 -40.09
N SER B 194 -4.87 -29.75 -38.98
CA SER B 194 -5.74 -29.48 -37.85
C SER B 194 -5.06 -29.90 -36.56
N TYR B 195 -5.38 -29.19 -35.48
CA TYR B 195 -4.97 -29.55 -34.14
C TYR B 195 -6.20 -29.80 -33.27
N SER B 196 -6.11 -30.80 -32.43
CA SER B 196 -7.24 -31.17 -31.56
C SER B 196 -6.83 -31.26 -30.09
N CYS B 197 -7.67 -30.77 -29.18
CA CYS B 197 -7.48 -30.95 -27.73
C CYS B 197 -8.53 -31.96 -27.25
N GLN B 198 -8.07 -33.10 -26.76
CA GLN B 198 -8.95 -34.16 -26.24
C GLN B 198 -8.90 -34.17 -24.71
N VAL B 199 -10.04 -34.06 -24.06
CA VAL B 199 -10.17 -34.06 -22.61
C VAL B 199 -10.88 -35.33 -22.19
N THR B 200 -10.20 -36.14 -21.37
CA THR B 200 -10.76 -37.39 -20.86
C THR B 200 -11.14 -37.21 -19.40
N HIS B 201 -12.40 -37.54 -19.10
CA HIS B 201 -12.99 -37.39 -17.78
C HIS B 201 -13.92 -38.57 -17.53
N GLU B 202 -13.64 -39.34 -16.47
CA GLU B 202 -14.47 -40.49 -16.09
C GLU B 202 -14.72 -41.44 -17.25
N GLY B 203 -13.69 -41.69 -18.04
CA GLY B 203 -13.76 -42.59 -19.16
C GLY B 203 -14.25 -41.98 -20.46
N SER B 204 -14.98 -40.86 -20.40
CA SER B 204 -15.50 -40.24 -21.61
C SER B 204 -14.55 -39.17 -22.11
N THR B 205 -14.33 -39.13 -23.42
CA THR B 205 -13.43 -38.19 -24.05
C THR B 205 -14.23 -37.20 -24.90
N VAL B 206 -13.90 -35.92 -24.77
CA VAL B 206 -14.52 -34.85 -25.55
C VAL B 206 -13.41 -34.15 -26.32
N GLU B 207 -13.62 -33.96 -27.62
CA GLU B 207 -12.60 -33.42 -28.52
C GLU B 207 -13.06 -32.10 -29.11
N LYS B 208 -12.10 -31.18 -29.27
CA LYS B 208 -12.31 -29.95 -30.01
C LYS B 208 -11.16 -29.74 -30.97
N THR B 209 -11.46 -29.15 -32.13
CA THR B 209 -10.47 -29.02 -33.19
C THR B 209 -10.43 -27.58 -33.71
N VAL B 210 -9.23 -27.13 -34.09
CA VAL B 210 -9.03 -25.86 -34.77
C VAL B 210 -8.09 -26.10 -35.95
N ALA B 211 -8.16 -25.19 -36.92
CA ALA B 211 -7.36 -25.27 -38.14
C ALA B 211 -7.01 -23.88 -38.61
N PRO B 212 -5.79 -23.64 -39.09
CA PRO B 212 -5.37 -22.34 -39.64
C PRO B 212 -6.17 -21.94 -40.87
N VAL C 2 -16.99 8.39 3.62
CA VAL C 2 -16.76 8.47 2.18
C VAL C 2 -15.29 8.85 1.95
N GLN C 3 -14.50 8.08 1.47
CA GLN C 3 -13.09 8.43 1.26
C GLN C 3 -12.56 7.93 -0.06
N LEU C 4 -11.51 8.43 -0.49
CA LEU C 4 -10.70 8.08 -1.65
C LEU C 4 -9.33 7.71 -1.10
N VAL C 5 -9.12 6.42 -0.86
CA VAL C 5 -7.86 5.94 -0.29
C VAL C 5 -6.89 5.66 -1.42
N GLN C 6 -5.69 6.24 -1.34
CA GLN C 6 -4.69 6.09 -2.39
C GLN C 6 -3.63 5.08 -1.99
N SER C 7 -2.92 4.57 -2.99
CA SER C 7 -1.91 3.55 -2.77
C SER C 7 -0.70 4.15 -2.07
N GLY C 8 0.16 3.26 -1.58
CA GLY C 8 1.32 3.66 -0.81
C GLY C 8 2.37 4.37 -1.65
N ALA C 9 3.38 4.89 -0.96
CA ALA C 9 4.45 5.60 -1.63
C ALA C 9 5.22 4.67 -2.57
N GLU C 10 5.83 5.26 -3.59
CA GLU C 10 6.54 4.53 -4.62
C GLU C 10 7.92 5.15 -4.82
N VAL C 11 8.95 4.31 -4.87
CA VAL C 11 10.30 4.72 -5.20
C VAL C 11 10.71 3.92 -6.43
N LYS C 12 10.91 4.59 -7.55
CA LYS C 12 11.20 3.93 -8.80
C LYS C 12 12.42 4.58 -9.47
N LYS C 13 12.90 3.87 -10.43
CA LYS C 13 14.06 4.33 -11.19
C LYS C 13 13.54 4.90 -12.50
N PRO C 14 14.26 5.74 -13.24
CA PRO C 14 13.80 6.30 -14.52
C PRO C 14 13.67 5.20 -15.57
N GLY C 15 12.57 5.27 -16.32
CA GLY C 15 12.28 4.30 -17.37
C GLY C 15 11.35 3.18 -16.95
N GLU C 16 11.16 2.97 -15.66
CA GLU C 16 10.26 1.92 -15.18
C GLU C 16 8.81 2.35 -15.30
N SER C 17 7.93 1.35 -15.45
CA SER C 17 6.49 1.58 -15.43
C SER C 17 6.03 1.78 -13.98
N LEU C 18 4.90 2.46 -13.83
CA LEU C 18 4.34 2.69 -12.51
C LEU C 18 2.83 2.81 -12.58
N THR C 19 2.13 2.17 -11.65
CA THR C 19 0.68 2.29 -11.53
C THR C 19 0.33 2.65 -10.10
N ILE C 20 -0.42 3.75 -9.93
CA ILE C 20 -0.93 4.14 -8.63
C ILE C 20 -2.45 4.07 -8.68
N SER C 21 -3.05 3.74 -7.53
CA SER C 21 -4.47 3.42 -7.45
C SER C 21 -5.17 4.35 -6.47
N CYS C 22 -6.49 4.42 -6.63
CA CYS C 22 -7.35 5.26 -5.81
C CYS C 22 -8.67 4.52 -5.64
N LYS C 23 -8.91 3.97 -4.48
CA LYS C 23 -10.16 3.25 -4.17
C LYS C 23 -11.17 4.15 -3.50
N ALA C 24 -12.34 4.20 -4.08
CA ALA C 24 -13.43 5.01 -3.57
C ALA C 24 -14.36 4.17 -2.71
N SER C 25 -14.96 4.82 -1.72
CA SER C 25 -15.96 4.18 -0.87
C SER C 25 -16.91 5.23 -0.33
N GLY C 26 -18.17 4.85 -0.19
CA GLY C 26 -19.19 5.72 0.35
C GLY C 26 -20.09 6.42 -0.64
N TYR C 27 -19.98 6.10 -1.93
CA TYR C 27 -20.83 6.73 -2.94
C TYR C 27 -20.86 5.87 -4.19
N SER C 28 -21.65 6.30 -5.17
CA SER C 28 -21.77 5.59 -6.44
C SER C 28 -20.59 5.97 -7.34
N PHE C 29 -19.65 5.04 -7.49
CA PHE C 29 -18.44 5.31 -8.25
C PHE C 29 -18.70 5.71 -9.71
N PRO C 30 -19.53 5.00 -10.49
CA PRO C 30 -19.65 5.34 -11.92
C PRO C 30 -20.43 6.62 -12.21
N ASN C 31 -20.71 7.39 -11.21
CA ASN C 31 -21.62 8.54 -11.39
C ASN C 31 -20.89 9.86 -11.20
N TYR C 32 -19.62 9.84 -10.76
CA TYR C 32 -18.84 11.05 -10.56
C TYR C 32 -17.51 10.93 -11.29
N TRP C 33 -17.02 12.06 -11.80
CA TRP C 33 -15.74 12.02 -12.47
C TRP C 33 -14.61 11.93 -11.45
N ILE C 34 -13.46 11.40 -11.89
CA ILE C 34 -12.26 11.37 -11.07
C ILE C 34 -11.19 12.20 -11.74
N THR C 35 -10.65 13.18 -11.01
CA THR C 35 -9.59 14.04 -11.50
C THR C 35 -8.30 13.78 -10.72
N TRP C 36 -7.16 14.06 -11.35
CA TRP C 36 -5.86 13.83 -10.77
C TRP C 36 -5.08 15.14 -10.74
N VAL C 37 -4.47 15.43 -9.59
CA VAL C 37 -3.74 16.68 -9.38
C VAL C 37 -2.35 16.35 -8.85
N ARG C 38 -1.33 16.94 -9.48
CA ARG C 38 0.06 16.71 -9.11
C ARG C 38 0.64 17.93 -8.42
N GLN C 39 1.48 17.69 -7.41
CA GLN C 39 2.14 18.77 -6.68
C GLN C 39 3.59 18.37 -6.39
N MET C 40 4.54 19.10 -6.95
CA MET C 40 5.93 18.81 -6.65
C MET C 40 6.30 19.39 -5.28
N SER C 41 7.37 18.85 -4.71
CA SER C 41 7.83 19.29 -3.39
C SER C 41 8.30 20.75 -3.48
N GLY C 42 7.63 21.62 -2.72
CA GLY C 42 7.93 23.04 -2.77
C GLY C 42 7.27 23.78 -3.93
N GLY C 43 6.56 23.06 -4.80
CA GLY C 43 5.91 23.66 -5.94
C GLY C 43 4.39 23.77 -5.76
N GLY C 44 3.72 24.07 -6.87
CA GLY C 44 2.30 24.29 -6.87
C GLY C 44 1.52 23.11 -7.44
N LEU C 45 0.21 23.32 -7.58
CA LEU C 45 -0.68 22.29 -8.09
C LEU C 45 -0.65 22.26 -9.61
N GLU C 46 -0.67 21.04 -10.16
CA GLU C 46 -0.60 20.83 -11.61
C GLU C 46 -1.63 19.78 -11.99
N TRP C 47 -2.65 20.20 -12.74
CA TRP C 47 -3.67 19.27 -13.24
C TRP C 47 -3.08 18.34 -14.30
N MET C 48 -3.44 17.06 -14.20
CA MET C 48 -2.97 16.05 -15.15
C MET C 48 -4.08 15.51 -16.04
N GLY C 49 -5.23 15.20 -15.49
CA GLY C 49 -6.34 14.71 -16.31
C GLY C 49 -7.51 14.29 -15.46
N ARG C 50 -8.66 14.15 -16.27
CA ARG C 50 -9.95 13.75 -15.70
C ARG C 50 -10.48 12.55 -16.45
N ILE C 51 -11.29 11.72 -15.70
CA ILE C 51 -11.92 10.57 -16.35
C ILE C 51 -13.37 10.42 -15.88
N ASP C 52 -14.25 10.11 -16.83
CA ASP C 52 -15.60 9.68 -16.56
C ASP C 52 -15.59 8.16 -16.52
N PRO C 53 -15.83 7.54 -15.36
CA PRO C 53 -15.81 6.08 -15.25
C PRO C 53 -17.04 5.39 -15.80
N GLY C 54 -18.02 6.13 -16.31
CA GLY C 54 -19.19 5.53 -16.91
C GLY C 54 -18.89 4.94 -18.27
N ASP C 55 -17.99 5.60 -18.97
CA ASP C 55 -17.62 5.19 -20.35
C ASP C 55 -16.11 5.27 -20.54
N SER C 56 -15.35 5.48 -19.47
CA SER C 56 -13.90 5.59 -19.51
C SER C 56 -13.43 6.80 -20.30
N TYR C 57 -14.23 7.85 -20.38
CA TYR C 57 -13.83 9.02 -21.16
C TYR C 57 -12.74 9.79 -20.44
N THR C 58 -11.70 10.16 -21.19
CA THR C 58 -10.53 10.80 -20.58
C THR C 58 -10.17 12.15 -21.19
N THR C 59 -9.75 13.10 -20.35
CA THR C 59 -9.20 14.39 -20.80
C THR C 59 -7.83 14.51 -20.14
N TYR C 60 -6.81 14.95 -20.87
CA TYR C 60 -5.45 15.07 -20.34
C TYR C 60 -4.93 16.49 -20.48
N ASN C 61 -3.96 16.80 -19.56
CA ASN C 61 -3.18 18.06 -19.63
C ASN C 61 -2.18 17.84 -20.77
N PRO C 62 -2.12 18.72 -21.81
CA PRO C 62 -1.20 18.47 -22.94
C PRO C 62 0.23 18.17 -22.54
N SER C 63 0.71 18.68 -21.40
CA SER C 63 2.07 18.38 -20.98
C SER C 63 2.22 16.92 -20.56
N PHE C 64 1.12 16.24 -20.27
CA PHE C 64 1.15 14.82 -19.90
C PHE C 64 0.48 13.93 -20.94
N GLN C 65 -0.08 14.50 -21.97
CA GLN C 65 -0.69 13.69 -23.05
C GLN C 65 0.36 12.75 -23.62
N GLY C 66 0.02 11.49 -23.68
CA GLY C 66 0.94 10.50 -24.21
C GLY C 66 1.95 10.01 -23.21
N HIS C 67 2.10 10.70 -22.08
CA HIS C 67 3.04 10.32 -21.04
C HIS C 67 2.38 9.59 -19.86
N VAL C 68 1.08 9.73 -19.70
CA VAL C 68 0.35 9.12 -18.59
C VAL C 68 -1.01 8.66 -19.08
N THR C 69 -1.55 7.65 -18.41
CA THR C 69 -2.84 7.06 -18.77
C THR C 69 -3.71 6.96 -17.52
N ILE C 70 -4.93 7.49 -17.60
CA ILE C 70 -5.92 7.37 -16.53
C ILE C 70 -6.92 6.30 -16.91
N SER C 71 -7.23 5.40 -15.98
CA SER C 71 -8.13 4.28 -16.26
C SER C 71 -9.01 4.01 -15.05
N ILE C 72 -9.99 3.13 -15.24
CA ILE C 72 -10.99 2.86 -14.17
C ILE C 72 -11.33 1.39 -14.06
N ASP C 73 -11.56 0.88 -12.85
CA ASP C 73 -12.14 -0.47 -12.67
C ASP C 73 -13.41 -0.32 -11.85
N LYS C 74 -14.54 -0.33 -12.51
CA LYS C 74 -15.81 -0.21 -11.80
C LYS C 74 -16.10 -1.42 -10.91
N SER C 75 -15.51 -2.57 -11.28
CA SER C 75 -15.68 -3.83 -10.51
C SER C 75 -15.08 -3.72 -9.11
N THR C 76 -14.20 -2.75 -8.89
CA THR C 76 -13.48 -2.65 -7.61
C THR C 76 -13.49 -1.22 -7.11
N ASN C 77 -14.22 -0.34 -7.80
CA ASN C 77 -14.30 1.08 -7.44
C ASN C 77 -12.92 1.72 -7.41
N THR C 78 -12.10 1.43 -8.42
CA THR C 78 -10.71 1.86 -8.42
C THR C 78 -10.40 2.73 -9.62
N ALA C 79 -9.63 3.80 -9.39
CA ALA C 79 -9.08 4.64 -10.44
C ALA C 79 -7.57 4.44 -10.50
N TYR C 80 -7.02 4.43 -11.71
CA TYR C 80 -5.61 4.13 -11.91
C TYR C 80 -4.93 5.25 -12.69
N LEU C 81 -3.69 5.53 -12.31
CA LEU C 81 -2.81 6.42 -13.04
C LEU C 81 -1.55 5.63 -13.38
N HIS C 82 -1.21 5.56 -14.66
CA HIS C 82 -0.19 4.64 -15.15
C HIS C 82 0.80 5.34 -16.05
N TRP C 83 2.09 5.06 -15.82
CA TRP C 83 3.19 5.47 -16.66
C TRP C 83 3.84 4.24 -17.28
N ASN C 84 4.08 4.28 -18.59
CA ASN C 84 4.87 3.25 -19.24
C ASN C 84 6.36 3.47 -19.03
N SER C 85 6.77 4.71 -18.91
CA SER C 85 8.19 5.04 -18.66
C SER C 85 8.26 6.30 -17.80
N LEU C 86 8.83 6.14 -16.61
CA LEU C 86 8.90 7.27 -15.67
C LEU C 86 10.09 8.18 -15.93
N LYS C 87 9.89 9.50 -15.73
CA LYS C 87 10.95 10.49 -15.77
C LYS C 87 11.22 11.01 -14.37
N ALA C 88 12.42 11.55 -14.17
CA ALA C 88 12.74 12.15 -12.88
C ALA C 88 11.86 13.36 -12.58
N SER C 89 11.37 14.03 -13.62
CA SER C 89 10.44 15.14 -13.43
C SER C 89 9.08 14.71 -12.88
N ASP C 90 8.79 13.41 -12.89
CA ASP C 90 7.52 12.91 -12.35
C ASP C 90 7.54 12.75 -10.84
N THR C 91 8.64 13.09 -10.18
CA THR C 91 8.74 13.02 -8.72
C THR C 91 7.84 14.08 -8.09
N ALA C 92 6.77 13.66 -7.44
CA ALA C 92 5.80 14.59 -6.85
C ALA C 92 4.81 13.80 -6.00
N MET C 93 3.87 14.53 -5.40
CA MET C 93 2.75 13.95 -4.69
C MET C 93 1.52 14.02 -5.59
N TYR C 94 0.79 12.92 -5.69
CA TYR C 94 -0.33 12.79 -6.62
C TYR C 94 -1.61 12.53 -5.84
N TYR C 95 -2.58 13.44 -5.99
CA TYR C 95 -3.89 13.33 -5.37
C TYR C 95 -4.93 12.90 -6.40
N CYS C 96 -5.79 11.98 -6.01
CA CYS C 96 -7.03 11.71 -6.72
C CYS C 96 -8.16 12.47 -6.03
N ALA C 97 -9.17 12.85 -6.82
CA ALA C 97 -10.21 13.72 -6.31
C ALA C 97 -11.50 13.48 -7.08
N ARG C 98 -12.62 13.63 -6.39
CA ARG C 98 -13.92 13.51 -7.03
C ARG C 98 -14.30 14.83 -7.68
N TYR C 99 -14.83 14.77 -8.91
CA TYR C 99 -15.18 15.99 -9.68
C TYR C 99 -16.65 16.04 -10.09
N TYR C 100 -17.36 17.04 -9.73
CA TYR C 100 -18.79 17.17 -10.08
C TYR C 100 -19.08 18.60 -10.56
N VAL C 101 -19.20 18.80 -11.84
CA VAL C 101 -19.51 20.09 -12.52
C VAL C 101 -18.43 21.14 -12.24
N SER C 102 -18.31 21.62 -11.03
CA SER C 102 -17.16 22.52 -10.82
C SER C 102 -16.52 22.27 -9.47
N LEU C 103 -17.06 21.32 -8.70
CA LEU C 103 -16.42 21.27 -7.40
C LEU C 103 -15.55 20.02 -7.26
N VAL C 104 -14.56 20.14 -6.41
CA VAL C 104 -13.68 19.00 -6.08
C VAL C 104 -13.86 18.85 -4.57
N ASP C 105 -14.64 17.87 -4.16
CA ASP C 105 -14.98 17.72 -2.72
C ASP C 105 -14.15 16.67 -1.99
N ILE C 106 -14.06 15.46 -2.51
CA ILE C 106 -13.38 14.42 -1.72
C ILE C 106 -12.01 14.25 -2.32
N TRP C 107 -11.01 14.14 -1.48
CA TRP C 107 -9.64 14.09 -1.97
C TRP C 107 -9.00 12.87 -1.35
N GLY C 108 -7.93 12.39 -1.94
CA GLY C 108 -7.17 11.33 -1.32
C GLY C 108 -6.07 11.87 -0.42
N GLN C 109 -5.50 10.97 0.39
CA GLN C 109 -4.42 11.37 1.28
C GLN C 109 -3.16 11.73 0.53
N GLY C 110 -3.04 11.30 -0.71
CA GLY C 110 -1.88 11.59 -1.53
C GLY C 110 -0.96 10.41 -1.71
N THR C 111 -0.39 10.24 -2.90
CA THR C 111 0.61 9.18 -3.11
C THR C 111 1.94 9.87 -3.45
N LEU C 112 2.99 9.55 -2.72
CA LEU C 112 4.30 10.13 -2.95
C LEU C 112 5.07 9.27 -3.95
N VAL C 113 5.44 9.85 -5.09
CA VAL C 113 6.13 9.14 -6.16
C VAL C 113 7.50 9.79 -6.31
N THR C 114 8.53 9.00 -6.06
CA THR C 114 9.92 9.47 -6.14
C THR C 114 10.57 8.70 -7.26
N VAL C 115 11.00 9.39 -8.29
CA VAL C 115 11.69 8.79 -9.41
C VAL C 115 13.12 9.33 -9.40
N SER C 116 14.08 8.45 -9.12
CA SER C 116 15.47 8.86 -9.01
C SER C 116 16.38 7.70 -9.40
N SER C 117 17.47 8.03 -10.06
CA SER C 117 18.48 7.04 -10.47
C SER C 117 19.35 6.78 -9.27
N ALA C 118 19.13 7.55 -8.23
CA ALA C 118 19.91 7.42 -7.01
C ALA C 118 19.39 6.22 -6.28
N SER C 119 20.27 5.62 -5.52
CA SER C 119 19.89 4.40 -4.82
C SER C 119 19.16 4.74 -3.54
N THR C 120 18.16 3.92 -3.21
CA THR C 120 17.49 4.06 -1.93
C THR C 120 18.46 3.71 -0.81
N LYS C 121 18.62 4.62 0.14
CA LYS C 121 19.60 4.47 1.21
C LYS C 121 18.90 4.51 2.56
N GLY C 122 19.14 3.48 3.36
CA GLY C 122 18.61 3.42 4.71
C GLY C 122 19.39 4.30 5.66
N PRO C 123 18.70 4.86 6.64
CA PRO C 123 19.35 5.78 7.57
C PRO C 123 20.24 5.08 8.58
N SER C 124 21.13 5.86 9.18
CA SER C 124 21.88 5.45 10.36
C SER C 124 21.35 6.22 11.55
N VAL C 125 21.01 5.52 12.62
CA VAL C 125 20.42 6.12 13.80
C VAL C 125 21.46 6.18 14.91
N PHE C 126 21.66 7.36 15.47
CA PHE C 126 22.58 7.61 16.56
C PHE C 126 21.86 8.26 17.73
N PRO C 127 22.22 7.93 18.96
CA PRO C 127 21.56 8.55 20.11
C PRO C 127 22.19 9.89 20.46
N LEU C 128 21.31 10.86 20.73
CA LEU C 128 21.70 12.17 21.25
C LEU C 128 21.45 12.12 22.75
N ALA C 129 22.52 11.83 23.51
CA ALA C 129 22.37 11.58 24.94
C ALA C 129 22.06 12.86 25.70
N PRO C 130 21.28 12.80 26.81
CA PRO C 130 21.06 13.96 27.61
C PRO C 130 22.34 14.39 28.31
N SER C 131 22.67 15.67 28.17
CA SER C 131 23.83 16.22 28.86
C SER C 131 23.43 16.65 30.28
N GLY C 138 15.08 20.07 36.61
CA GLY C 138 13.92 20.44 35.82
C GLY C 138 13.63 19.50 34.67
N THR C 139 14.20 19.79 33.50
CA THR C 139 13.97 18.99 32.31
C THR C 139 15.27 18.78 31.55
N ALA C 140 15.41 17.59 30.97
CA ALA C 140 16.50 17.26 30.08
C ALA C 140 15.93 16.95 28.69
N ALA C 141 16.73 17.19 27.67
CA ALA C 141 16.34 16.89 26.30
C ALA C 141 17.23 15.78 25.76
N LEU C 142 16.61 14.74 25.26
CA LEU C 142 17.37 13.62 24.70
C LEU C 142 16.81 13.37 23.32
N GLY C 143 17.51 12.70 22.51
CA GLY C 143 17.01 12.59 21.15
C GLY C 143 17.66 11.48 20.35
N CYS C 144 17.29 11.43 19.08
CA CYS C 144 17.84 10.49 18.13
C CYS C 144 18.06 11.18 16.78
N LEU C 145 19.27 11.05 16.27
CA LEU C 145 19.64 11.55 14.95
C LEU C 145 19.48 10.45 13.92
N VAL C 146 18.74 10.73 12.86
CA VAL C 146 18.46 9.81 11.76
C VAL C 146 19.15 10.39 10.53
N LYS C 147 20.30 9.84 10.17
CA LYS C 147 21.23 10.48 9.25
C LYS C 147 21.34 9.72 7.93
N ASP C 148 21.42 10.48 6.83
CA ASP C 148 21.83 9.96 5.52
C ASP C 148 20.88 8.86 5.03
N TYR C 149 19.62 9.25 4.82
CA TYR C 149 18.64 8.40 4.20
C TYR C 149 18.08 9.06 2.95
N PHE C 150 17.52 8.23 2.07
CA PHE C 150 16.85 8.68 0.85
C PHE C 150 15.95 7.56 0.35
N PRO C 151 14.72 7.86 -0.07
CA PRO C 151 14.11 9.18 0.03
C PRO C 151 13.26 9.35 1.29
N GLU C 152 12.47 10.43 1.33
CA GLU C 152 11.53 10.63 2.41
C GLU C 152 10.33 9.71 2.25
N PRO C 153 9.57 9.44 3.34
CA PRO C 153 9.75 9.96 4.70
C PRO C 153 10.33 8.96 5.70
N VAL C 154 10.66 9.47 6.88
CA VAL C 154 11.01 8.66 8.04
C VAL C 154 10.04 9.00 9.15
N THR C 155 9.57 7.97 9.85
CA THR C 155 8.70 8.14 11.02
C THR C 155 9.48 7.75 12.27
N VAL C 156 9.41 8.61 13.29
CA VAL C 156 10.11 8.38 14.55
C VAL C 156 9.08 8.40 15.68
N SER C 157 8.96 7.28 16.38
CA SER C 157 8.16 7.20 17.60
C SER C 157 9.07 6.97 18.80
N TRP C 158 8.52 7.12 19.99
CA TRP C 158 9.26 6.92 21.22
C TRP C 158 8.54 5.92 22.11
N ASN C 159 9.26 4.88 22.52
CA ASN C 159 8.71 3.80 23.35
C ASN C 159 7.46 3.19 22.70
N SER C 160 7.58 2.91 21.40
CA SER C 160 6.52 2.27 20.63
C SER C 160 5.20 3.04 20.67
N GLY C 161 5.28 4.37 20.83
CA GLY C 161 4.11 5.21 20.83
C GLY C 161 3.55 5.57 22.19
N ALA C 162 4.07 4.98 23.26
CA ALA C 162 3.55 5.29 24.59
C ALA C 162 3.99 6.67 25.07
N LEU C 163 5.04 7.23 24.49
CA LEU C 163 5.58 8.53 24.87
C LEU C 163 5.32 9.49 23.72
N THR C 164 4.41 10.44 23.93
CA THR C 164 4.04 11.39 22.88
C THR C 164 4.18 12.83 23.38
N SER C 165 4.02 13.03 24.68
CA SER C 165 4.11 14.38 25.26
C SER C 165 5.57 14.78 25.35
N GLY C 166 5.91 15.91 24.73
CA GLY C 166 7.27 16.40 24.69
C GLY C 166 8.08 15.93 23.50
N VAL C 167 7.47 15.19 22.58
CA VAL C 167 8.16 14.67 21.40
C VAL C 167 8.02 15.68 20.27
N HIS C 168 9.11 16.12 19.73
CA HIS C 168 9.13 17.01 18.56
C HIS C 168 10.11 16.44 17.54
N THR C 169 9.64 16.10 16.39
CA THR C 169 10.45 15.56 15.30
C THR C 169 10.62 16.66 14.26
N PHE C 170 11.81 17.24 14.20
CA PHE C 170 12.07 18.36 13.32
C PHE C 170 12.04 17.91 11.86
N PRO C 171 11.64 18.80 10.95
CA PRO C 171 11.70 18.47 9.52
C PRO C 171 13.13 18.20 9.09
N ALA C 172 13.26 17.44 8.01
CA ALA C 172 14.57 16.96 7.60
C ALA C 172 15.31 18.02 6.79
N VAL C 173 16.66 17.93 6.87
CA VAL C 173 17.54 18.82 6.08
C VAL C 173 17.95 18.10 4.82
N LEU C 174 17.90 18.62 3.69
CA LEU C 174 18.42 18.00 2.46
C LEU C 174 19.86 18.53 2.32
N GLN C 175 20.82 17.64 2.34
CA GLN C 175 22.22 18.08 2.30
C GLN C 175 22.72 18.04 0.87
N SER C 176 23.97 18.43 0.62
CA SER C 176 24.49 18.53 -0.74
C SER C 176 24.66 17.17 -1.41
N SER C 177 24.87 16.11 -0.63
CA SER C 177 24.96 14.77 -1.18
C SER C 177 23.66 14.27 -1.78
N GLY C 178 22.54 14.96 -1.53
CA GLY C 178 21.24 14.48 -1.95
C GLY C 178 20.54 13.60 -0.95
N LEU C 179 21.08 13.46 0.25
CA LEU C 179 20.49 12.62 1.29
C LEU C 179 19.84 13.49 2.36
N TYR C 180 18.96 12.87 3.14
CA TYR C 180 18.21 13.56 4.18
C TYR C 180 18.76 13.22 5.56
N SER C 181 18.67 14.19 6.46
CA SER C 181 18.98 13.98 7.87
C SER C 181 17.87 14.62 8.70
N LEU C 182 17.54 13.98 9.82
CA LEU C 182 16.41 14.38 10.65
C LEU C 182 16.80 14.16 12.11
N SER C 183 16.15 14.89 12.99
CA SER C 183 16.41 14.74 14.42
C SER C 183 15.09 14.74 15.17
N SER C 184 14.99 13.88 16.18
CA SER C 184 13.79 13.80 17.00
C SER C 184 14.20 13.97 18.46
N VAL C 185 13.60 14.94 19.14
CA VAL C 185 13.97 15.29 20.50
C VAL C 185 12.76 15.11 21.41
N VAL C 186 13.00 14.55 22.59
CA VAL C 186 11.98 14.42 23.61
C VAL C 186 12.48 15.10 24.88
N THR C 187 11.64 15.96 25.45
CA THR C 187 11.92 16.68 26.68
C THR C 187 11.28 15.92 27.83
N VAL C 188 12.09 15.49 28.78
CA VAL C 188 11.63 14.63 29.88
C VAL C 188 12.06 15.27 31.19
N PRO C 189 11.43 14.89 32.30
CA PRO C 189 11.95 15.30 33.60
C PRO C 189 13.30 14.65 33.87
N SER C 190 14.20 15.43 34.49
CA SER C 190 15.54 14.94 34.75
C SER C 190 15.55 13.81 35.77
N SER C 191 14.65 13.85 36.75
CA SER C 191 14.58 12.79 37.76
C SER C 191 14.36 11.42 37.14
N SER C 192 13.65 11.36 36.01
CA SER C 192 13.40 10.10 35.34
C SER C 192 14.62 9.56 34.59
N LEU C 193 15.65 10.34 34.45
CA LEU C 193 16.75 10.00 33.54
C LEU C 193 17.36 8.64 33.83
N GLY C 194 17.68 8.33 35.07
CA GLY C 194 18.37 7.04 35.28
C GLY C 194 17.46 5.87 35.58
N THR C 195 16.16 6.10 35.64
CA THR C 195 15.20 5.03 35.91
C THR C 195 14.48 4.75 34.62
N GLN C 196 13.95 5.72 33.99
CA GLN C 196 13.06 5.54 32.85
C GLN C 196 13.87 5.29 31.59
N THR C 197 13.50 4.23 30.87
CA THR C 197 14.16 3.88 29.61
C THR C 197 13.48 4.61 28.45
N TYR C 198 14.31 5.16 27.56
CA TYR C 198 13.84 5.90 26.40
C TYR C 198 14.38 5.22 25.15
N ILE C 199 13.47 4.77 24.28
CA ILE C 199 13.81 4.09 23.04
C ILE C 199 13.21 4.88 21.89
N CYS C 200 14.03 5.19 20.89
CA CYS C 200 13.54 5.79 19.67
C CYS C 200 13.37 4.71 18.61
N ASN C 201 12.20 4.68 17.97
CA ASN C 201 11.84 3.72 16.94
C ASN C 201 11.80 4.46 15.61
N VAL C 202 12.73 4.15 14.73
CA VAL C 202 12.89 4.81 13.44
C VAL C 202 12.43 3.83 12.36
N ASN C 203 11.45 4.25 11.56
CA ASN C 203 10.90 3.45 10.48
C ASN C 203 11.07 4.20 9.17
N HIS C 204 11.67 3.54 8.19
CA HIS C 204 11.90 4.08 6.85
C HIS C 204 11.41 3.03 5.85
N LYS C 205 10.21 3.10 5.42
CA LYS C 205 9.57 2.09 4.50
C LYS C 205 10.30 1.94 3.17
N PRO C 206 10.79 3.05 2.47
CA PRO C 206 11.44 2.80 1.17
C PRO C 206 12.61 1.83 1.23
N SER C 207 13.37 1.82 2.31
CA SER C 207 14.46 0.87 2.50
C SER C 207 14.05 -0.30 3.38
N ASN C 208 12.82 -0.31 3.89
CA ASN C 208 12.35 -1.32 4.83
C ASN C 208 13.27 -1.39 6.04
N THR C 209 13.65 -0.22 6.54
CA THR C 209 14.48 -0.10 7.74
C THR C 209 13.58 0.12 8.94
N LYS C 210 13.83 -0.63 10.01
CA LYS C 210 13.10 -0.43 11.26
C LYS C 210 14.08 -0.71 12.39
N VAL C 211 14.53 0.35 13.05
CA VAL C 211 15.56 0.25 14.07
C VAL C 211 15.06 0.86 15.36
N ASP C 212 15.64 0.40 16.48
CA ASP C 212 15.31 0.90 17.81
C ASP C 212 16.61 1.19 18.53
N LYS C 213 16.80 2.45 18.94
CA LYS C 213 18.00 2.86 19.65
C LYS C 213 17.65 3.35 21.05
N LYS C 214 18.45 2.90 22.03
CA LYS C 214 18.30 3.31 23.40
C LYS C 214 19.20 4.51 23.69
N VAL C 215 18.63 5.55 24.28
CA VAL C 215 19.36 6.77 24.61
C VAL C 215 19.68 6.73 26.10
N GLU C 216 20.96 6.69 26.42
CA GLU C 216 21.35 6.54 27.82
C GLU C 216 22.17 7.74 28.24
N PRO C 217 22.00 8.23 29.47
CA PRO C 217 22.86 9.28 29.94
C PRO C 217 24.29 8.76 29.82
N VAL D 3 0.25 28.49 -17.22
CA VAL D 3 0.30 28.83 -15.77
C VAL D 3 -0.40 30.17 -15.54
N LEU D 4 -1.04 30.35 -14.40
CA LEU D 4 -1.68 31.62 -14.08
C LEU D 4 -0.78 32.36 -13.12
N THR D 5 -0.85 33.68 -13.12
CA THR D 5 0.08 34.48 -12.33
C THR D 5 -0.57 34.90 -11.02
N GLN D 6 0.04 34.52 -9.91
CA GLN D 6 -0.35 34.93 -8.57
C GLN D 6 0.83 35.54 -7.85
N PRO D 7 0.58 36.42 -6.88
CA PRO D 7 1.67 36.86 -6.00
C PRO D 7 2.19 35.69 -5.19
N ALA D 8 3.51 35.71 -4.92
CA ALA D 8 4.11 34.63 -4.15
C ALA D 8 3.63 34.64 -2.71
N SER D 9 3.53 35.82 -2.10
CA SER D 9 3.12 35.95 -0.72
C SER D 9 2.23 37.16 -0.54
N VAL D 10 1.33 37.09 0.44
CA VAL D 10 0.52 38.21 0.86
C VAL D 10 0.25 38.05 2.36
N SER D 11 0.22 39.16 3.08
CA SER D 11 0.09 39.12 4.53
C SER D 11 -0.94 40.15 5.00
N GLY D 12 -1.32 40.01 6.26
CA GLY D 12 -2.31 40.90 6.87
C GLY D 12 -2.43 40.60 8.35
N SER D 13 -3.19 41.46 9.02
CA SER D 13 -3.39 41.38 10.46
C SER D 13 -4.80 40.89 10.78
N PRO D 14 -5.00 40.32 11.97
CA PRO D 14 -6.33 39.83 12.34
C PRO D 14 -7.39 40.92 12.25
N GLY D 15 -8.56 40.56 11.72
CA GLY D 15 -9.64 41.50 11.52
C GLY D 15 -9.61 42.20 10.16
N GLN D 16 -8.44 42.29 9.53
CA GLN D 16 -8.33 42.96 8.25
C GLN D 16 -8.91 42.10 7.14
N SER D 17 -8.92 42.65 5.93
CA SER D 17 -9.40 41.97 4.74
C SER D 17 -8.28 41.97 3.71
N ILE D 18 -7.93 40.79 3.21
CA ILE D 18 -6.86 40.67 2.23
C ILE D 18 -7.45 40.17 0.92
N THR D 19 -6.76 40.49 -0.18
CA THR D 19 -7.19 40.11 -1.52
C THR D 19 -6.02 39.47 -2.24
N ILE D 20 -6.31 38.40 -2.98
CA ILE D 20 -5.33 37.65 -3.74
C ILE D 20 -5.73 37.68 -5.21
N SER D 21 -4.81 38.13 -6.05
CA SER D 21 -5.04 38.25 -7.48
C SER D 21 -4.63 36.98 -8.22
N CYS D 22 -5.20 36.81 -9.42
CA CYS D 22 -4.89 35.68 -10.29
C CYS D 22 -5.12 36.17 -11.72
N THR D 23 -4.00 36.47 -12.37
CA THR D 23 -4.07 37.02 -13.74
C THR D 23 -3.82 35.94 -14.77
N GLY D 24 -4.70 35.84 -15.77
CA GLY D 24 -4.51 34.94 -16.89
C GLY D 24 -4.65 35.64 -18.22
N THR D 25 -4.96 34.88 -19.26
CA THR D 25 -5.18 35.42 -20.60
C THR D 25 -6.65 35.32 -20.95
N SER D 26 -6.98 35.72 -22.19
CA SER D 26 -8.35 35.61 -22.67
C SER D 26 -8.78 34.18 -22.93
N SER D 27 -7.86 33.22 -22.87
CA SER D 27 -8.18 31.83 -23.12
C SER D 27 -8.59 31.07 -21.86
N ASP D 28 -8.18 31.51 -20.68
CA ASP D 28 -8.49 30.79 -19.44
C ASP D 28 -9.39 31.59 -18.50
N VAL D 29 -8.97 32.77 -18.06
CA VAL D 29 -9.70 33.52 -17.05
C VAL D 29 -10.65 34.55 -17.68
N GLY D 30 -10.12 35.35 -18.59
CA GLY D 30 -10.94 36.33 -19.29
C GLY D 30 -11.94 35.73 -20.26
N GLY D 31 -11.80 34.47 -20.61
CA GLY D 31 -12.69 33.89 -21.61
C GLY D 31 -13.86 33.17 -21.02
N TYR D 32 -13.80 32.83 -19.74
CA TYR D 32 -14.85 31.97 -19.16
C TYR D 32 -15.02 32.29 -17.70
N ASN D 33 -16.20 32.04 -17.18
CA ASN D 33 -16.54 32.35 -15.79
C ASN D 33 -16.36 31.15 -14.87
N TYR D 34 -15.39 30.29 -15.16
CA TYR D 34 -15.14 29.09 -14.38
C TYR D 34 -13.78 29.26 -13.69
N VAL D 35 -13.79 29.93 -12.54
CA VAL D 35 -12.59 30.20 -11.76
C VAL D 35 -12.81 29.71 -10.35
N SER D 36 -11.88 28.89 -9.85
CA SER D 36 -11.96 28.32 -8.51
C SER D 36 -10.76 28.73 -7.66
N TRP D 37 -10.99 28.78 -6.36
CA TRP D 37 -9.96 29.06 -5.37
C TRP D 37 -9.92 27.93 -4.36
N TYR D 38 -8.70 27.41 -4.12
CA TYR D 38 -8.43 26.28 -3.25
C TYR D 38 -7.52 26.71 -2.11
N GLN D 39 -7.79 26.18 -0.92
CA GLN D 39 -6.97 26.42 0.26
C GLN D 39 -6.24 25.13 0.62
N GLN D 40 -4.93 25.23 0.80
CA GLN D 40 -4.09 24.08 1.16
C GLN D 40 -3.25 24.46 2.37
N HIS D 41 -3.39 23.68 3.46
CA HIS D 41 -2.54 23.79 4.63
C HIS D 41 -1.35 22.83 4.50
N PRO D 42 -0.23 23.13 5.16
CA PRO D 42 0.96 22.27 5.03
C PRO D 42 0.68 20.85 5.49
N GLY D 43 1.08 19.89 4.65
CA GLY D 43 0.86 18.49 4.95
C GLY D 43 -0.56 18.02 4.77
N LYS D 44 -1.38 18.76 4.04
CA LYS D 44 -2.77 18.44 3.84
C LYS D 44 -3.12 18.56 2.36
N ALA D 45 -4.24 17.95 1.98
CA ALA D 45 -4.75 18.09 0.63
C ALA D 45 -5.51 19.40 0.47
N PRO D 46 -5.56 19.94 -0.75
CA PRO D 46 -6.29 21.19 -0.95
C PRO D 46 -7.78 21.05 -0.66
N LYS D 47 -8.38 22.14 -0.17
CA LYS D 47 -9.81 22.20 0.08
C LYS D 47 -10.40 23.32 -0.79
N LEU D 48 -11.44 22.98 -1.55
CA LEU D 48 -12.06 23.97 -2.43
C LEU D 48 -12.80 25.01 -1.60
N MET D 49 -12.46 26.27 -1.82
CA MET D 49 -13.09 27.39 -1.14
C MET D 49 -14.07 28.16 -2.00
N ILE D 50 -13.76 28.34 -3.28
CA ILE D 50 -14.60 29.09 -4.20
C ILE D 50 -14.61 28.38 -5.55
N TYR D 51 -15.75 28.39 -6.23
CA TYR D 51 -15.84 27.86 -7.60
C TYR D 51 -16.82 28.74 -8.35
N ASP D 52 -16.70 28.76 -9.68
CA ASP D 52 -17.63 29.48 -10.59
C ASP D 52 -17.55 30.99 -10.29
N VAL D 53 -16.34 31.49 -10.11
CA VAL D 53 -16.02 32.90 -9.75
C VAL D 53 -16.51 33.31 -8.36
N ASN D 54 -17.80 33.23 -8.08
CA ASN D 54 -18.34 33.77 -6.83
C ASN D 54 -19.02 32.68 -5.98
N ASN D 55 -19.40 31.56 -6.60
CA ASN D 55 -20.08 30.54 -5.81
C ASN D 55 -19.17 29.95 -4.74
N ARG D 56 -19.77 29.66 -3.58
CA ARG D 56 -19.05 29.12 -2.43
C ARG D 56 -19.76 27.86 -1.96
N PRO D 57 -19.05 26.75 -1.80
CA PRO D 57 -19.70 25.51 -1.34
C PRO D 57 -20.06 25.60 0.13
N SER D 58 -20.78 24.49 0.52
CA SER D 58 -21.31 24.42 1.90
C SER D 58 -20.17 24.24 2.87
N GLU D 59 -20.34 24.77 4.07
CA GLU D 59 -19.35 24.59 5.15
C GLU D 59 -18.15 25.52 4.95
N VAL D 60 -18.15 26.30 3.88
CA VAL D 60 -17.06 27.32 3.75
C VAL D 60 -17.59 28.66 4.29
N SER D 61 -16.95 29.22 5.34
CA SER D 61 -17.30 30.53 5.91
C SER D 61 -17.54 31.57 4.83
N ASN D 62 -18.52 32.45 5.08
CA ASN D 62 -18.86 33.53 4.16
C ASN D 62 -17.81 34.64 4.13
N ARG D 63 -16.74 34.49 4.80
CA ARG D 63 -15.64 35.48 4.82
C ARG D 63 -14.74 35.26 3.61
N PHE D 64 -15.06 34.28 2.76
CA PHE D 64 -14.34 34.05 1.50
C PHE D 64 -15.26 34.42 0.34
N SER D 65 -14.87 35.42 -0.43
CA SER D 65 -15.63 35.85 -1.59
C SER D 65 -14.75 35.83 -2.84
N GLY D 66 -15.39 35.71 -3.99
CA GLY D 66 -14.69 35.68 -5.27
C GLY D 66 -15.19 36.76 -6.20
N SER D 67 -14.27 37.31 -7.00
CA SER D 67 -14.58 38.36 -7.95
C SER D 67 -13.78 38.11 -9.22
N LYS D 68 -14.26 38.60 -10.37
CA LYS D 68 -13.52 38.49 -11.66
C LYS D 68 -13.72 39.74 -12.51
N SER D 69 -12.63 40.36 -12.95
CA SER D 69 -12.65 41.56 -13.78
C SER D 69 -11.65 41.37 -14.91
N GLY D 70 -12.16 41.24 -16.14
CA GLY D 70 -11.28 41.07 -17.28
C GLY D 70 -10.51 39.78 -17.19
N ASN D 71 -9.18 39.88 -17.23
CA ASN D 71 -8.31 38.72 -17.12
C ASN D 71 -7.83 38.48 -15.70
N THR D 72 -8.37 39.17 -14.71
CA THR D 72 -7.88 39.07 -13.34
C THR D 72 -9.01 38.66 -12.41
N ALA D 73 -8.87 37.48 -11.80
CA ALA D 73 -9.77 37.04 -10.75
C ALA D 73 -9.17 37.38 -9.39
N SER D 74 -10.03 37.44 -8.38
CA SER D 74 -9.63 37.88 -7.06
C SER D 74 -10.37 37.07 -6.00
N LEU D 75 -9.65 36.73 -4.93
CA LEU D 75 -10.21 36.07 -3.76
C LEU D 75 -10.03 36.99 -2.57
N THR D 76 -11.14 37.31 -1.91
CA THR D 76 -11.13 38.22 -0.77
C THR D 76 -11.45 37.46 0.50
N ILE D 77 -10.64 37.67 1.54
CA ILE D 77 -10.84 37.08 2.85
C ILE D 77 -11.03 38.23 3.82
N SER D 78 -12.25 38.38 4.33
CA SER D 78 -12.57 39.37 5.34
C SER D 78 -12.37 38.79 6.73
N GLY D 79 -12.19 39.67 7.72
CA GLY D 79 -12.01 39.27 9.09
C GLY D 79 -10.94 38.23 9.33
N LEU D 80 -9.71 38.53 8.91
CA LEU D 80 -8.63 37.56 8.97
C LEU D 80 -8.51 36.89 10.33
N GLN D 81 -8.49 35.55 10.32
CA GLN D 81 -8.20 34.76 11.50
C GLN D 81 -6.87 34.02 11.29
N ALA D 82 -6.28 33.58 12.40
CA ALA D 82 -5.05 32.82 12.32
C ALA D 82 -5.23 31.53 11.53
N GLU D 83 -6.44 30.95 11.56
CA GLU D 83 -6.74 29.72 10.84
C GLU D 83 -6.71 29.90 9.33
N ASP D 84 -6.65 31.15 8.88
CA ASP D 84 -6.66 31.46 7.43
C ASP D 84 -5.28 31.36 6.82
N GLU D 85 -4.24 31.28 7.62
CA GLU D 85 -2.85 31.14 7.13
C GLU D 85 -2.65 29.82 6.41
N ALA D 86 -2.50 29.84 5.11
CA ALA D 86 -2.30 28.66 4.28
C ALA D 86 -1.84 29.14 2.90
N ASP D 87 -1.78 28.21 1.95
CA ASP D 87 -1.49 28.53 0.56
C ASP D 87 -2.80 28.53 -0.22
N TYR D 88 -2.94 29.50 -1.12
CA TYR D 88 -4.19 29.67 -1.88
C TYR D 88 -3.86 29.56 -3.35
N TYR D 89 -4.57 28.72 -4.07
CA TYR D 89 -4.33 28.43 -5.47
C TYR D 89 -5.56 28.76 -6.29
N CYS D 90 -5.37 29.43 -7.42
CA CYS D 90 -6.46 29.68 -8.36
C CYS D 90 -6.41 28.68 -9.51
N SER D 91 -7.58 28.18 -9.87
CA SER D 91 -7.77 27.28 -10.99
C SER D 91 -8.70 27.94 -12.00
N SER D 92 -8.46 27.64 -13.27
CA SER D 92 -9.24 28.22 -14.36
C SER D 92 -9.49 27.18 -15.43
N TYR D 93 -10.66 27.28 -16.05
CA TYR D 93 -11.06 26.42 -17.15
C TYR D 93 -10.40 26.83 -18.46
N THR D 94 -9.76 25.87 -19.12
CA THR D 94 -9.25 26.02 -20.47
C THR D 94 -10.03 25.10 -21.39
N THR D 95 -10.14 25.53 -22.65
CA THR D 95 -10.95 24.82 -23.65
C THR D 95 -10.56 23.35 -23.73
N GLY D 96 -11.57 22.49 -23.81
CA GLY D 96 -11.37 21.07 -23.83
C GLY D 96 -11.54 20.38 -22.50
N SER D 97 -12.35 20.95 -21.60
CA SER D 97 -12.52 20.43 -20.24
C SER D 97 -11.17 20.32 -19.54
N ARG D 98 -10.31 21.31 -19.74
CA ARG D 98 -9.00 21.29 -19.12
C ARG D 98 -8.96 22.33 -18.00
N ALA D 99 -7.97 22.20 -17.13
CA ALA D 99 -7.80 23.14 -16.03
C ALA D 99 -6.34 23.60 -15.98
N VAL D 100 -6.13 24.79 -15.44
CA VAL D 100 -4.79 25.38 -15.26
C VAL D 100 -4.76 26.03 -13.88
N PHE D 101 -3.69 25.86 -13.12
CA PHE D 101 -3.54 26.42 -11.78
C PHE D 101 -2.57 27.59 -11.78
N GLY D 102 -2.75 28.44 -10.78
CA GLY D 102 -1.78 29.48 -10.50
C GLY D 102 -0.61 28.93 -9.71
N GLY D 103 0.40 29.78 -9.51
CA GLY D 103 1.57 29.35 -8.78
C GLY D 103 1.35 29.17 -7.29
N GLY D 104 0.37 29.86 -6.73
CA GLY D 104 0.10 29.78 -5.30
C GLY D 104 0.49 31.06 -4.60
N THR D 105 -0.26 31.38 -3.55
CA THR D 105 0.00 32.55 -2.73
C THR D 105 0.04 32.13 -1.27
N LYS D 106 1.10 32.38 -0.59
CA LYS D 106 1.21 32.07 0.85
C LYS D 106 0.66 33.24 1.64
N LEU D 107 -0.41 33.04 2.34
CA LEU D 107 -1.05 34.02 3.22
C LEU D 107 -0.46 33.92 4.61
N THR D 108 -0.15 35.09 5.20
CA THR D 108 0.47 35.17 6.52
C THR D 108 -0.34 36.11 7.40
N VAL D 109 -0.55 35.70 8.65
CA VAL D 109 -1.20 36.54 9.66
C VAL D 109 -0.15 37.00 10.65
N LEU D 110 -0.11 38.31 10.92
CA LEU D 110 0.98 38.96 11.64
C LEU D 110 0.61 39.36 13.07
N GLY D 111 -0.27 38.62 13.73
CA GLY D 111 -0.72 39.02 15.06
C GLY D 111 -0.15 38.25 16.23
N GLN D 112 0.71 37.27 16.00
CA GLN D 112 1.18 36.37 17.05
C GLN D 112 2.22 37.05 17.93
N PRO D 113 2.21 36.79 19.24
CA PRO D 113 3.17 37.45 20.14
C PRO D 113 4.56 36.87 19.99
N LYS D 114 5.56 37.72 20.31
CA LYS D 114 6.95 37.31 20.17
C LYS D 114 7.29 36.20 21.16
N ALA D 115 7.98 35.18 20.66
CA ALA D 115 8.43 34.05 21.46
C ALA D 115 9.91 33.82 21.19
N ASN D 116 10.66 33.62 22.25
CA ASN D 116 12.13 33.52 22.11
C ASN D 116 12.56 32.07 21.87
N PRO D 117 13.61 31.84 21.07
CA PRO D 117 14.02 30.47 20.73
C PRO D 117 14.65 29.55 21.78
N THR D 118 14.21 28.31 21.85
CA THR D 118 14.85 27.30 22.71
C THR D 118 15.90 26.59 21.87
N VAL D 119 17.16 26.59 22.30
CA VAL D 119 18.25 26.01 21.53
C VAL D 119 18.77 24.79 22.28
N THR D 120 18.86 23.67 21.56
CA THR D 120 19.45 22.45 22.10
C THR D 120 20.59 22.02 21.19
N LEU D 121 21.78 21.86 21.74
CA LEU D 121 22.98 21.53 20.98
C LEU D 121 23.51 20.18 21.43
N PHE D 122 23.53 19.25 20.52
CA PHE D 122 24.03 17.91 20.81
C PHE D 122 25.40 17.73 20.17
N PRO D 123 26.34 17.11 20.91
CA PRO D 123 27.62 16.81 20.34
C PRO D 123 27.60 15.52 19.52
N PRO D 124 28.68 15.17 18.78
CA PRO D 124 28.75 13.92 18.10
C PRO D 124 28.63 12.79 19.12
N SER D 125 27.97 11.70 18.74
CA SER D 125 27.78 10.54 19.64
C SER D 125 28.99 9.62 19.55
N SER D 126 29.33 8.94 20.65
CA SER D 126 30.42 7.97 20.57
C SER D 126 30.11 6.86 19.59
N GLU D 127 28.79 6.59 19.41
CA GLU D 127 28.36 5.59 18.43
C GLU D 127 28.72 6.10 17.04
N GLU D 128 28.67 7.37 16.79
CA GLU D 128 28.90 7.94 15.47
C GLU D 128 30.39 8.09 15.18
N LEU D 129 31.17 8.43 16.20
CA LEU D 129 32.62 8.51 16.01
C LEU D 129 33.21 7.14 15.71
N GLN D 130 32.58 6.07 16.21
CA GLN D 130 33.02 4.71 15.90
C GLN D 130 32.83 4.38 14.42
N ALA D 131 31.89 5.05 13.74
CA ALA D 131 31.68 4.89 12.32
C ALA D 131 32.48 5.89 11.49
N ASN D 132 33.47 6.56 12.11
CA ASN D 132 34.35 7.51 11.42
C ASN D 132 33.56 8.70 10.86
N LYS D 133 32.65 9.22 11.61
CA LYS D 133 31.84 10.37 11.21
C LYS D 133 31.64 11.27 12.44
N ALA D 134 31.25 12.49 12.26
CA ALA D 134 30.96 13.41 13.35
C ALA D 134 29.89 14.40 12.90
N THR D 135 28.88 14.57 13.76
CA THR D 135 27.82 15.57 13.49
C THR D 135 27.39 16.32 14.74
N LEU D 136 27.42 17.64 14.67
CA LEU D 136 26.84 18.48 15.71
C LEU D 136 25.44 18.91 15.27
N VAL D 137 24.51 18.89 16.22
CA VAL D 137 23.09 19.12 15.93
C VAL D 137 22.59 20.29 16.77
N CYS D 138 22.21 21.39 16.13
CA CYS D 138 21.61 22.53 16.79
C CYS D 138 20.14 22.60 16.42
N LEU D 139 19.26 22.53 17.42
CA LEU D 139 17.82 22.48 17.21
C LEU D 139 17.17 23.69 17.87
N ILE D 140 16.47 24.49 17.06
CA ILE D 140 15.85 25.73 17.49
C ILE D 140 14.33 25.53 17.47
N SER D 141 13.67 25.85 18.58
CA SER D 141 12.27 25.52 18.76
C SER D 141 11.51 26.69 19.35
N ASP D 142 10.23 26.83 19.03
CA ASP D 142 9.28 27.74 19.70
C ASP D 142 9.56 29.23 19.59
N PHE D 143 9.86 29.69 18.40
CA PHE D 143 10.19 31.10 18.22
C PHE D 143 9.24 31.74 17.21
N TYR D 144 8.96 33.02 17.44
CA TYR D 144 8.14 33.83 16.55
C TYR D 144 8.70 35.24 16.67
N PRO D 145 9.00 35.95 15.59
CA PRO D 145 8.76 35.51 14.19
C PRO D 145 9.61 34.40 13.58
N GLY D 146 9.21 33.83 12.45
CA GLY D 146 9.90 32.67 11.86
C GLY D 146 11.11 33.02 11.05
N ALA D 147 12.13 33.60 11.69
CA ALA D 147 13.37 34.02 11.02
C ALA D 147 14.49 33.92 12.02
N VAL D 148 15.49 33.12 11.69
CA VAL D 148 16.62 32.87 12.60
C VAL D 148 17.92 32.95 11.84
N THR D 149 19.00 33.19 12.56
CA THR D 149 20.36 33.24 11.98
C THR D 149 21.15 32.21 12.78
N VAL D 150 21.83 31.28 12.06
CA VAL D 150 22.65 30.31 12.78
C VAL D 150 24.10 30.52 12.38
N ALA D 151 24.98 30.55 13.39
CA ALA D 151 26.41 30.68 13.17
C ALA D 151 27.13 29.63 14.00
N TRP D 152 28.12 28.98 13.41
CA TRP D 152 28.91 27.98 14.11
C TRP D 152 30.30 28.51 14.38
N LYS D 153 30.86 28.15 15.52
CA LYS D 153 32.18 28.61 15.90
C LYS D 153 33.00 27.45 16.46
N ALA D 154 34.28 27.41 16.06
CA ALA D 154 35.25 26.49 16.62
C ALA D 154 36.27 27.30 17.41
N ASP D 155 36.31 27.08 18.72
CA ASP D 155 37.21 27.80 19.63
C ASP D 155 36.98 29.31 19.59
N GLY D 156 35.84 29.72 19.04
CA GLY D 156 35.45 31.14 18.99
C GLY D 156 35.52 31.70 17.60
N SER D 157 36.24 30.99 16.76
CA SER D 157 36.48 31.47 15.38
C SER D 157 35.38 30.97 14.42
N PRO D 158 34.85 31.79 13.48
CA PRO D 158 33.75 31.36 12.66
C PRO D 158 33.98 30.18 11.72
N VAL D 159 33.18 29.13 11.87
CA VAL D 159 33.22 28.01 10.92
C VAL D 159 32.04 28.14 9.98
N LYS D 160 32.32 28.04 8.68
CA LYS D 160 31.29 28.16 7.64
C LYS D 160 31.04 26.87 6.88
N ALA D 161 32.06 26.07 6.61
CA ALA D 161 31.89 24.88 5.80
C ALA D 161 31.42 23.71 6.66
N GLY D 162 30.70 22.80 6.02
CA GLY D 162 30.13 21.66 6.70
C GLY D 162 28.81 21.95 7.39
N VAL D 163 28.21 23.11 7.11
CA VAL D 163 26.98 23.56 7.76
C VAL D 163 25.82 23.37 6.81
N GLU D 164 24.75 22.68 7.37
CA GLU D 164 23.49 22.48 6.64
C GLU D 164 22.36 22.92 7.53
N THR D 165 21.60 23.98 7.06
CA THR D 165 20.54 24.53 7.90
C THR D 165 19.20 24.41 7.19
N THR D 166 18.17 24.07 7.96
CA THR D 166 16.82 23.93 7.43
C THR D 166 16.15 25.30 7.30
N LYS D 167 15.17 25.37 6.42
CA LYS D 167 14.28 26.51 6.35
C LYS D 167 13.32 26.49 7.53
N PRO D 168 13.03 27.63 8.15
CA PRO D 168 12.09 27.65 9.27
C PRO D 168 10.72 27.11 8.85
N SER D 169 10.11 26.34 9.75
CA SER D 169 8.84 25.67 9.49
C SER D 169 7.96 25.77 10.71
N LYS D 170 6.66 25.95 10.49
CA LYS D 170 5.72 26.16 11.57
C LYS D 170 5.39 24.84 12.27
N GLN D 171 5.16 24.94 13.59
CA GLN D 171 4.85 23.79 14.42
C GLN D 171 3.35 23.70 14.65
N SER D 172 2.94 22.78 15.53
CA SER D 172 1.53 22.64 15.85
C SER D 172 1.04 23.77 16.75
N ASN D 173 1.95 24.39 17.52
CA ASN D 173 1.62 25.51 18.38
C ASN D 173 1.79 26.86 17.68
N ASN D 174 1.81 26.89 16.38
CA ASN D 174 1.89 28.15 15.61
C ASN D 174 3.23 28.86 15.82
N LYS D 175 4.20 28.16 16.37
CA LYS D 175 5.55 28.69 16.47
C LYS D 175 6.44 27.96 15.46
N TYR D 176 7.68 28.39 15.35
CA TYR D 176 8.57 27.92 14.30
C TYR D 176 9.68 27.05 14.87
N ALA D 177 10.20 26.16 14.01
CA ALA D 177 11.28 25.26 14.35
C ALA D 177 12.28 25.24 13.21
N ALA D 178 13.56 25.09 13.56
CA ALA D 178 14.62 25.01 12.57
C ALA D 178 15.73 24.09 13.11
N SER D 179 16.57 23.64 12.20
CA SER D 179 17.65 22.73 12.53
C SER D 179 18.90 23.08 11.74
N SER D 180 20.05 22.91 12.37
CA SER D 180 21.34 23.13 11.74
C SER D 180 22.26 21.97 12.10
N TYR D 181 23.00 21.49 11.10
CA TYR D 181 23.90 20.37 11.27
C TYR D 181 25.30 20.78 10.82
N LEU D 182 26.28 20.51 11.68
CA LEU D 182 27.69 20.75 11.35
C LEU D 182 28.36 19.39 11.22
N SER D 183 28.67 19.01 9.97
CA SER D 183 29.31 17.74 9.69
C SER D 183 30.82 17.90 9.79
N LEU D 184 31.45 17.02 10.54
CA LEU D 184 32.88 17.12 10.76
C LEU D 184 33.46 15.73 10.71
N THR D 185 34.74 15.62 10.46
CA THR D 185 35.49 14.40 10.69
C THR D 185 35.82 14.30 12.17
N PRO D 186 35.94 13.03 12.67
CA PRO D 186 36.27 12.82 14.06
C PRO D 186 37.56 13.49 14.50
N GLU D 187 38.32 14.06 13.57
CA GLU D 187 39.63 14.68 13.88
C GLU D 187 39.40 16.16 14.07
N GLN D 188 38.60 16.76 13.25
CA GLN D 188 38.19 18.15 13.46
C GLN D 188 37.42 18.31 14.75
N TRP D 189 36.66 17.30 15.15
CA TRP D 189 35.88 17.37 16.40
C TRP D 189 36.80 17.32 17.61
N LYS D 190 37.73 16.38 17.59
CA LYS D 190 38.60 16.15 18.77
C LYS D 190 39.81 17.10 18.79
N SER D 191 40.10 17.80 17.68
CA SER D 191 41.24 18.71 17.67
C SER D 191 40.91 20.03 18.34
N HIS D 192 39.77 20.61 18.02
CA HIS D 192 39.39 21.88 18.63
C HIS D 192 38.88 21.65 20.05
N ARG D 193 38.90 22.72 20.84
CA ARG D 193 38.54 22.59 22.25
C ARG D 193 37.04 22.64 22.46
N SER D 194 36.34 23.53 21.75
CA SER D 194 34.91 23.66 21.91
C SER D 194 34.29 24.13 20.60
N TYR D 195 33.05 23.72 20.38
CA TYR D 195 32.23 24.21 19.28
C TYR D 195 30.99 24.87 19.85
N SER D 196 30.53 25.94 19.20
CA SER D 196 29.38 26.69 19.68
C SER D 196 28.41 26.96 18.54
N CYS D 197 27.12 26.92 18.87
CA CYS D 197 26.03 27.31 17.99
C CYS D 197 25.43 28.60 18.53
N GLN D 198 25.51 29.66 17.76
CA GLN D 198 24.90 30.96 18.09
C GLN D 198 23.68 31.18 17.20
N VAL D 199 22.50 31.26 17.80
CA VAL D 199 21.25 31.53 17.10
C VAL D 199 20.83 32.95 17.41
N THR D 200 20.74 33.77 16.38
CA THR D 200 20.29 35.15 16.52
C THR D 200 18.87 35.26 15.98
N HIS D 201 17.98 35.79 16.80
CA HIS D 201 16.57 35.91 16.49
C HIS D 201 16.10 37.27 16.99
N GLU D 202 15.62 38.10 16.07
CA GLU D 202 15.10 39.43 16.39
C GLU D 202 16.10 40.22 17.23
N GLY D 203 17.37 40.13 16.87
CA GLY D 203 18.43 40.84 17.55
C GLY D 203 19.02 40.17 18.77
N SER D 204 18.29 39.23 19.39
CA SER D 204 18.77 38.57 20.59
C SER D 204 19.53 37.29 20.21
N THR D 205 20.66 37.07 20.88
CA THR D 205 21.52 35.94 20.57
C THR D 205 21.50 34.93 21.71
N VAL D 206 21.36 33.66 21.36
CA VAL D 206 21.44 32.54 22.31
C VAL D 206 22.57 31.63 21.85
N GLU D 207 23.49 31.33 22.76
CA GLU D 207 24.67 30.54 22.42
C GLU D 207 24.67 29.25 23.24
N LYS D 208 25.07 28.15 22.60
CA LYS D 208 25.28 26.89 23.29
C LYS D 208 26.61 26.30 22.85
N THR D 209 27.28 25.60 23.76
CA THR D 209 28.61 25.08 23.50
C THR D 209 28.69 23.61 23.86
N VAL D 210 29.49 22.87 23.10
CA VAL D 210 29.85 21.49 23.37
C VAL D 210 31.37 21.36 23.25
N ALA D 211 31.94 20.35 23.86
CA ALA D 211 33.40 20.21 23.86
C ALA D 211 33.73 18.76 23.69
N PRO D 212 34.73 18.40 22.88
CA PRO D 212 35.17 17.01 22.77
C PRO D 212 35.44 16.30 24.10
N THR D 213 35.78 17.05 25.13
CA THR D 213 36.07 16.51 26.47
C THR D 213 34.88 16.78 27.39
#